data_5LKG
#
_entry.id   5LKG
#
_cell.length_a   76.200
_cell.length_b   86.680
_cell.length_c   97.060
_cell.angle_alpha   90.00
_cell.angle_beta   90.00
_cell.angle_gamma   90.00
#
_symmetry.space_group_name_H-M   'P 21 21 21'
#
loop_
_entity.id
_entity.type
_entity.pdbx_description
1 polymer 'Capsid protein VP1'
2 branched alpha-L-fucopyranose-(1-2)-beta-D-galactopyranose-(1-4)-alpha-D-glucopyranose
3 non-polymer 'MAGNESIUM ION'
4 water water
#
_entity_poly.entity_id   1
_entity_poly.type   'polypeptide(L)'
_entity_poly.pdbx_seq_one_letter_code
;GSKPFSLPILTLSELTNSRFPVPIDSLFTAQNNVLQVQCQNGRCTLDGELQGTTQLLPTGICAFRGRVTAQINQRDRWHM
QLQNLNGTTYDPTDDVPAPLGTPDFKGVVFGMVSQRNVGNDAPGSTRAQQAWVSTYSPQFVPKLGSVNLRISDNDDFQFQ
PTKFTPVGVNDDDDGHPFRQWELPNYSGELTLNMNLAPPVAPNFPGEQLLFFRSFVPCSGGYNQGIIDCLIPQEWIQHFY
QESAPSQSDVALIRYVNPDTGRTLFEAKLHRSGYITVAHSGDYPLVVPANGHFRFDSWVNQFYSLAPM
;
_entity_poly.pdbx_strand_id   A,B
#
loop_
_chem_comp.id
_chem_comp.type
_chem_comp.name
_chem_comp.formula
FUC L-saccharide, alpha linking alpha-L-fucopyranose 'C6 H12 O5'
GAL D-saccharide, beta linking beta-D-galactopyranose 'C6 H12 O6'
GLC D-saccharide, alpha linking alpha-D-glucopyranose 'C6 H12 O6'
MG non-polymer 'MAGNESIUM ION' 'Mg 2'
#
# COMPACT_ATOMS: atom_id res chain seq x y z
N GLY A 1 -4.59 -11.77 -33.66
CA GLY A 1 -4.00 -10.47 -33.40
C GLY A 1 -4.00 -10.16 -31.92
N SER A 2 -3.27 -10.98 -31.16
CA SER A 2 -3.36 -10.97 -29.71
C SER A 2 -2.34 -10.08 -29.03
N LYS A 3 -2.80 -9.29 -28.07
CA LYS A 3 -1.90 -8.44 -27.31
C LYS A 3 -0.93 -9.28 -26.47
N PRO A 4 0.38 -8.97 -26.52
CA PRO A 4 1.37 -9.85 -25.88
C PRO A 4 1.31 -9.80 -24.36
N PHE A 5 1.35 -10.97 -23.75
CA PHE A 5 1.39 -11.06 -22.30
C PHE A 5 2.78 -10.66 -21.78
N SER A 6 2.81 -10.09 -20.58
CA SER A 6 4.06 -9.65 -19.95
C SER A 6 3.89 -9.56 -18.45
N LEU A 7 5.04 -9.59 -17.77
CA LEU A 7 5.12 -9.29 -16.35
C LEU A 7 5.69 -7.89 -16.14
N PRO A 8 5.30 -7.22 -15.04
CA PRO A 8 6.10 -6.04 -14.72
C PRO A 8 7.50 -6.46 -14.28
N ILE A 9 8.48 -5.58 -14.48
CA ILE A 9 9.87 -5.87 -14.14
C ILE A 9 10.20 -5.28 -12.79
N LEU A 10 10.25 -6.14 -11.78
CA LEU A 10 10.32 -5.75 -10.38
C LEU A 10 11.07 -6.80 -9.60
N THR A 11 12.02 -6.36 -8.80
CA THR A 11 12.76 -7.24 -7.90
C THR A 11 11.87 -7.61 -6.73
N LEU A 12 12.27 -8.58 -5.92
CA LEU A 12 11.44 -9.00 -4.77
C LEU A 12 11.19 -7.84 -3.84
N SER A 13 12.20 -7.04 -3.57
CA SER A 13 12.02 -5.96 -2.61
C SER A 13 11.24 -4.80 -3.22
N GLU A 14 10.88 -4.89 -4.51
CA GLU A 14 10.00 -3.94 -5.17
C GLU A 14 8.56 -4.49 -5.31
N LEU A 15 8.26 -5.55 -4.59
CA LEU A 15 6.96 -6.21 -4.68
C LEU A 15 6.22 -6.18 -3.34
N THR A 16 4.91 -6.07 -3.43
CA THR A 16 4.00 -6.06 -2.30
C THR A 16 3.23 -7.36 -2.20
N ASN A 17 3.12 -7.89 -1.00
CA ASN A 17 2.29 -9.07 -0.77
C ASN A 17 0.84 -8.72 -1.08
N SER A 18 0.15 -9.57 -1.80
CA SER A 18 -1.24 -9.31 -2.16
C SER A 18 -2.27 -9.82 -1.12
N ARG A 19 -1.78 -10.40 -0.03
CA ARG A 19 -2.63 -10.88 1.05
C ARG A 19 -2.44 -10.13 2.35
N PHE A 20 -1.43 -9.27 2.44
CA PHE A 20 -1.23 -8.42 3.60
C PHE A 20 -0.37 -7.26 3.17
N PRO A 21 -0.62 -6.05 3.69
CA PRO A 21 0.00 -4.84 3.10
C PRO A 21 1.44 -4.60 3.57
N VAL A 22 2.32 -5.46 3.11
CA VAL A 22 3.74 -5.43 3.42
C VAL A 22 4.55 -5.91 2.21
N PRO A 23 5.84 -5.59 2.15
CA PRO A 23 6.69 -6.06 1.05
C PRO A 23 6.89 -7.59 1.08
N ILE A 24 7.19 -8.16 -0.09
CA ILE A 24 7.67 -9.52 -0.18
C ILE A 24 9.07 -9.63 0.38
N ASP A 25 9.32 -10.66 1.18
CA ASP A 25 10.64 -10.95 1.72
C ASP A 25 11.41 -12.01 0.95
N SER A 26 10.75 -13.04 0.46
CA SER A 26 11.46 -14.15 -0.17
C SER A 26 10.52 -14.99 -1.02
N LEU A 27 11.10 -15.92 -1.78
CA LEU A 27 10.36 -16.95 -2.48
C LEU A 27 10.41 -18.26 -1.70
N PHE A 28 9.32 -19.01 -1.70
CA PHE A 28 9.25 -20.26 -0.96
C PHE A 28 8.42 -21.26 -1.75
N THR A 29 8.91 -22.50 -1.89
CA THR A 29 8.07 -23.56 -2.45
C THR A 29 7.75 -24.58 -1.36
N ALA A 30 6.52 -25.06 -1.37
CA ALA A 30 6.01 -25.88 -0.29
C ALA A 30 5.57 -27.26 -0.75
N GLN A 31 5.76 -28.25 0.10
CA GLN A 31 5.15 -29.54 -0.14
C GLN A 31 3.64 -29.33 -0.24
N ASN A 32 2.99 -30.17 -1.03
CA ASN A 32 1.57 -30.00 -1.33
C ASN A 32 0.69 -30.25 -0.12
N ASN A 33 -0.13 -29.26 0.23
CA ASN A 33 -1.07 -29.39 1.33
C ASN A 33 -2.05 -30.51 1.06
N VAL A 34 -2.52 -31.18 2.11
CA VAL A 34 -3.57 -32.17 1.93
C VAL A 34 -4.85 -31.43 1.54
N LEU A 35 -5.10 -30.29 2.17
CA LEU A 35 -6.19 -29.41 1.76
C LEU A 35 -5.67 -28.33 0.82
N GLN A 36 -6.35 -28.14 -0.30
CA GLN A 36 -5.86 -27.20 -1.31
C GLN A 36 -5.91 -25.76 -0.85
N VAL A 37 -4.86 -25.04 -1.19
CA VAL A 37 -4.77 -23.58 -1.07
C VAL A 37 -5.95 -22.91 -1.78
N GLN A 38 -6.65 -22.02 -1.07
CA GLN A 38 -7.78 -21.29 -1.66
C GLN A 38 -7.92 -19.90 -1.07
N CYS A 39 -6.83 -19.16 -1.10
CA CYS A 39 -6.86 -17.79 -0.59
C CYS A 39 -7.71 -16.93 -1.53
N GLN A 40 -8.24 -15.83 -1.00
CA GLN A 40 -9.22 -15.03 -1.74
C GLN A 40 -8.70 -13.64 -2.05
N ASN A 41 -7.75 -13.15 -1.27
CA ASN A 41 -6.97 -11.98 -1.69
C ASN A 41 -5.81 -12.44 -2.55
N GLY A 42 -5.35 -11.56 -3.43
CA GLY A 42 -4.26 -11.89 -4.33
C GLY A 42 -4.64 -12.89 -5.39
N ARG A 43 -5.87 -12.78 -5.89
CA ARG A 43 -6.38 -13.67 -6.93
C ARG A 43 -6.73 -12.87 -8.19
N CYS A 44 -6.09 -13.26 -9.29
CA CYS A 44 -6.26 -12.58 -10.57
C CYS A 44 -5.82 -13.51 -11.68
N THR A 45 -6.63 -13.59 -12.72
CA THR A 45 -6.26 -14.39 -13.87
C THR A 45 -5.21 -13.66 -14.66
N LEU A 46 -4.49 -14.39 -15.51
CA LEU A 46 -3.44 -13.76 -16.30
C LEU A 46 -3.99 -12.75 -17.29
N ASP A 47 -5.27 -12.85 -17.64
CA ASP A 47 -5.82 -11.88 -18.58
C ASP A 47 -6.56 -10.75 -17.86
N GLY A 48 -6.35 -10.64 -16.56
CA GLY A 48 -6.69 -9.42 -15.83
C GLY A 48 -8.00 -9.41 -15.08
N GLU A 49 -8.59 -10.58 -14.83
CA GLU A 49 -9.84 -10.68 -14.09
C GLU A 49 -9.59 -10.93 -12.60
N LEU A 50 -9.81 -9.91 -11.78
CA LEU A 50 -9.69 -10.04 -10.34
C LEU A 50 -10.77 -11.01 -9.84
N GLN A 51 -10.40 -11.83 -8.86
CA GLN A 51 -11.30 -12.82 -8.28
C GLN A 51 -11.30 -12.77 -6.75
N GLY A 52 -12.20 -13.54 -6.15
CA GLY A 52 -12.30 -13.55 -4.70
C GLY A 52 -12.62 -12.18 -4.14
N THR A 53 -11.90 -11.81 -3.09
CA THR A 53 -12.07 -10.51 -2.44
C THR A 53 -10.99 -9.52 -2.93
N THR A 54 -10.35 -9.83 -4.04
CA THR A 54 -9.19 -9.05 -4.48
C THR A 54 -9.59 -7.70 -5.02
N GLN A 55 -8.92 -6.65 -4.54
CA GLN A 55 -9.09 -5.31 -5.13
C GLN A 55 -7.69 -4.78 -5.45
N LEU A 56 -7.58 -3.57 -5.98
CA LEU A 56 -6.33 -3.12 -6.56
C LEU A 56 -5.32 -2.45 -5.63
N LEU A 57 -5.75 -1.91 -4.50
CA LEU A 57 -4.86 -1.10 -3.67
C LEU A 57 -4.20 -1.87 -2.56
N PRO A 58 -2.85 -1.76 -2.43
CA PRO A 58 -2.24 -2.38 -1.26
C PRO A 58 -2.84 -1.91 0.04
N THR A 59 -3.20 -0.64 0.12
CA THR A 59 -3.70 -0.08 1.36
C THR A 59 -5.11 -0.62 1.66
N GLY A 60 -5.75 -1.27 0.69
CA GLY A 60 -7.03 -1.90 0.92
C GLY A 60 -6.97 -3.33 1.47
N ILE A 61 -5.80 -3.94 1.45
CA ILE A 61 -5.72 -5.35 1.84
C ILE A 61 -5.82 -5.50 3.37
N CYS A 62 -6.80 -6.29 3.81
CA CYS A 62 -7.17 -6.45 5.23
C CYS A 62 -7.61 -5.15 5.92
N ALA A 63 -8.09 -4.20 5.13
CA ALA A 63 -8.67 -3.00 5.72
C ALA A 63 -10.19 -3.08 5.72
N PHE A 64 -10.81 -2.29 6.59
CA PHE A 64 -12.25 -2.11 6.63
C PHE A 64 -12.58 -0.63 6.68
N ARG A 65 -13.76 -0.31 6.18
CA ARG A 65 -14.30 1.04 6.22
C ARG A 65 -15.80 0.95 6.48
N GLY A 66 -16.33 1.83 7.32
CA GLY A 66 -17.77 1.85 7.51
C GLY A 66 -18.13 2.76 8.66
N ARG A 67 -19.19 2.38 9.36
CA ARG A 67 -19.67 3.16 10.51
C ARG A 67 -19.83 2.22 11.67
N VAL A 68 -19.45 2.66 12.87
CA VAL A 68 -19.76 1.88 14.07
C VAL A 68 -21.18 2.26 14.47
N THR A 69 -22.05 1.27 14.68
CA THR A 69 -23.48 1.53 14.80
C THR A 69 -24.06 1.00 16.09
N ALA A 70 -23.26 0.21 16.80
CA ALA A 70 -23.76 -0.46 17.99
C ALA A 70 -22.64 -1.04 18.80
N GLN A 71 -22.92 -1.34 20.06
CA GLN A 71 -22.04 -2.19 20.85
C GLN A 71 -22.83 -3.27 21.55
N ILE A 72 -22.16 -4.41 21.75
CA ILE A 72 -22.73 -5.54 22.47
C ILE A 72 -21.77 -5.93 23.60
N ASN A 73 -22.31 -6.61 24.62
CA ASN A 73 -21.52 -7.01 25.78
C ASN A 73 -20.83 -8.34 25.54
N GLN A 74 -19.81 -8.27 24.70
CA GLN A 74 -19.00 -9.42 24.29
C GLN A 74 -17.57 -8.92 24.12
N ARG A 75 -16.62 -9.83 24.01
CA ARG A 75 -15.25 -9.42 23.73
C ARG A 75 -15.18 -8.68 22.39
N ASP A 76 -15.86 -9.20 21.38
CA ASP A 76 -15.97 -8.52 20.08
C ASP A 76 -17.10 -7.49 20.20
N ARG A 77 -16.79 -6.38 20.85
CA ARG A 77 -17.78 -5.47 21.42
C ARG A 77 -18.42 -4.50 20.43
N TRP A 78 -17.64 -3.98 19.49
CA TRP A 78 -18.08 -2.86 18.67
C TRP A 78 -18.50 -3.27 17.27
N HIS A 79 -19.77 -3.06 16.97
CA HIS A 79 -20.37 -3.48 15.71
C HIS A 79 -20.13 -2.46 14.61
N MET A 80 -19.34 -2.85 13.62
CA MET A 80 -18.98 -2.00 12.49
C MET A 80 -19.75 -2.43 11.22
N GLN A 81 -20.69 -1.60 10.79
CA GLN A 81 -21.46 -1.81 9.57
C GLN A 81 -20.59 -1.36 8.38
N LEU A 82 -20.25 -2.30 7.51
CA LEU A 82 -19.28 -2.04 6.47
C LEU A 82 -19.80 -1.31 5.25
N GLN A 83 -18.88 -0.52 4.69
CA GLN A 83 -18.98 0.06 3.37
C GLN A 83 -17.94 -0.62 2.50
N ASN A 84 -17.99 -0.39 1.20
CA ASN A 84 -16.89 -0.75 0.34
C ASN A 84 -15.73 0.16 0.73
N LEU A 85 -14.50 -0.27 0.45
CA LEU A 85 -13.37 0.51 0.89
C LEU A 85 -13.34 1.93 0.32
N ASN A 86 -13.97 2.13 -0.83
CA ASN A 86 -14.03 3.46 -1.41
C ASN A 86 -15.17 4.33 -0.87
N GLY A 87 -15.87 3.85 0.16
CA GLY A 87 -16.89 4.62 0.84
C GLY A 87 -18.29 4.43 0.30
N THR A 88 -18.43 3.71 -0.81
CA THR A 88 -19.76 3.47 -1.37
C THR A 88 -20.49 2.37 -0.60
N THR A 89 -21.79 2.31 -0.79
CA THR A 89 -22.65 1.40 -0.05
CA THR A 89 -22.66 1.39 -0.06
C THR A 89 -22.35 -0.05 -0.43
N TYR A 90 -22.16 -0.88 0.58
CA TYR A 90 -21.91 -2.30 0.34
C TYR A 90 -23.23 -3.04 0.08
N ASP A 91 -23.27 -3.84 -0.99
CA ASP A 91 -24.42 -4.68 -1.34
C ASP A 91 -24.12 -6.15 -1.06
N PRO A 92 -24.73 -6.73 -0.03
CA PRO A 92 -24.50 -8.14 0.30
C PRO A 92 -24.92 -9.11 -0.80
N THR A 93 -25.63 -8.65 -1.83
CA THR A 93 -26.09 -9.55 -2.89
C THR A 93 -25.12 -9.62 -4.06
N ASP A 94 -24.03 -8.86 -3.99
CA ASP A 94 -23.01 -8.90 -5.04
C ASP A 94 -22.33 -10.27 -5.08
N ASP A 95 -21.80 -10.61 -6.25
CA ASP A 95 -21.21 -11.94 -6.47
C ASP A 95 -19.76 -12.00 -6.02
N VAL A 96 -19.56 -11.72 -4.74
CA VAL A 96 -18.24 -11.70 -4.11
C VAL A 96 -18.36 -12.48 -2.80
N PRO A 97 -17.25 -13.03 -2.30
CA PRO A 97 -17.30 -13.75 -1.02
C PRO A 97 -17.57 -12.86 0.17
N ALA A 98 -17.18 -11.60 0.03
CA ALA A 98 -17.16 -10.63 1.13
C ALA A 98 -16.77 -9.28 0.52
N PRO A 99 -16.88 -8.19 1.28
CA PRO A 99 -16.35 -6.92 0.76
C PRO A 99 -14.89 -7.06 0.32
N LEU A 100 -14.54 -6.44 -0.80
CA LEU A 100 -13.19 -6.60 -1.30
C LEU A 100 -12.19 -6.07 -0.24
N GLY A 101 -11.10 -6.81 -0.05
CA GLY A 101 -10.07 -6.48 0.93
C GLY A 101 -10.20 -7.24 2.25
N THR A 102 -11.37 -7.82 2.50
CA THR A 102 -11.60 -8.62 3.72
C THR A 102 -10.50 -9.64 3.92
N PRO A 103 -10.00 -9.83 5.17
CA PRO A 103 -8.98 -10.89 5.37
C PRO A 103 -9.44 -12.27 4.95
N ASP A 104 -8.51 -13.10 4.47
CA ASP A 104 -8.86 -14.41 3.95
C ASP A 104 -8.19 -15.55 4.74
N PHE A 105 -7.96 -15.31 6.04
CA PHE A 105 -7.33 -16.29 6.92
C PHE A 105 -7.97 -16.25 8.30
N LYS A 106 -7.78 -17.35 9.05
CA LYS A 106 -8.22 -17.44 10.42
C LYS A 106 -7.13 -16.90 11.32
N GLY A 107 -7.48 -15.97 12.20
CA GLY A 107 -6.56 -15.43 13.15
C GLY A 107 -7.07 -14.09 13.61
N VAL A 108 -6.19 -13.29 14.20
CA VAL A 108 -6.52 -11.97 14.66
C VAL A 108 -5.68 -10.99 13.85
N VAL A 109 -6.32 -9.99 13.29
CA VAL A 109 -5.60 -8.90 12.64
C VAL A 109 -5.55 -7.76 13.63
N PHE A 110 -4.36 -7.24 13.93
CA PHE A 110 -4.27 -6.08 14.81
C PHE A 110 -3.86 -4.86 14.01
N GLY A 111 -4.31 -3.69 14.46
CA GLY A 111 -3.96 -2.45 13.80
C GLY A 111 -4.54 -1.32 14.60
N MET A 112 -5.01 -0.31 13.88
CA MET A 112 -5.68 0.83 14.52
C MET A 112 -7.01 1.15 13.87
N VAL A 113 -7.92 1.66 14.69
CA VAL A 113 -9.16 2.24 14.19
C VAL A 113 -9.05 3.75 14.27
N SER A 114 -9.67 4.44 13.34
CA SER A 114 -9.72 5.89 13.38
C SER A 114 -11.14 6.30 13.02
N GLN A 115 -11.58 7.42 13.61
CA GLN A 115 -12.91 7.94 13.35
C GLN A 115 -12.84 9.41 12.99
N ARG A 116 -13.80 9.85 12.19
CA ARG A 116 -13.95 11.28 11.86
C ARG A 116 -15.44 11.56 11.75
N ASN A 117 -15.96 12.39 12.65
CA ASN A 117 -17.40 12.59 12.75
C ASN A 117 -17.98 13.33 11.57
N VAL A 118 -19.22 12.99 11.24
CA VAL A 118 -20.00 13.71 10.25
C VAL A 118 -21.36 13.96 10.88
N GLY A 119 -22.19 14.76 10.23
CA GLY A 119 -23.52 15.04 10.74
C GLY A 119 -23.50 16.09 11.82
N ASN A 120 -24.44 15.99 12.75
CA ASN A 120 -24.66 17.11 13.64
C ASN A 120 -23.80 17.08 14.91
N ASP A 121 -23.25 15.93 15.25
CA ASP A 121 -22.52 15.72 16.50
C ASP A 121 -21.02 15.97 16.35
N ALA A 122 -20.58 17.21 16.61
CA ALA A 122 -19.17 17.57 16.54
C ALA A 122 -18.52 17.09 15.26
N PRO A 123 -19.13 17.43 14.11
CA PRO A 123 -18.51 17.02 12.86
C PRO A 123 -17.07 17.51 12.73
N GLY A 124 -16.22 16.62 12.20
CA GLY A 124 -14.82 16.96 12.05
C GLY A 124 -13.98 16.46 13.20
N SER A 125 -14.60 16.12 14.34
CA SER A 125 -13.81 15.62 15.46
C SER A 125 -13.28 14.23 15.14
N THR A 126 -12.09 13.94 15.63
CA THR A 126 -11.40 12.68 15.28
C THR A 126 -10.88 11.96 16.53
N ARG A 127 -10.61 10.66 16.39
CA ARG A 127 -9.92 9.89 17.42
C ARG A 127 -9.38 8.65 16.75
N ALA A 128 -8.33 8.08 17.33
CA ALA A 128 -7.72 6.85 16.83
C ALA A 128 -7.15 6.04 17.97
N GLN A 129 -7.15 4.72 17.82
CA GLN A 129 -6.60 3.86 18.86
C GLN A 129 -6.37 2.46 18.33
N GLN A 130 -5.69 1.63 19.12
CA GLN A 130 -5.47 0.24 18.71
C GLN A 130 -6.76 -0.55 18.67
N ALA A 131 -6.83 -1.48 17.72
CA ALA A 131 -7.95 -2.40 17.56
C ALA A 131 -7.53 -3.74 17.03
N TRP A 132 -8.41 -4.71 17.22
CA TRP A 132 -8.19 -6.08 16.79
C TRP A 132 -9.44 -6.57 16.12
N VAL A 133 -9.28 -7.34 15.06
CA VAL A 133 -10.41 -8.00 14.42
C VAL A 133 -10.12 -9.49 14.41
N SER A 134 -10.97 -10.26 15.09
CA SER A 134 -10.84 -11.71 15.06
C SER A 134 -11.71 -12.33 13.97
N THR A 135 -11.08 -13.06 13.06
CA THR A 135 -11.82 -13.66 11.95
C THR A 135 -12.41 -15.02 12.35
N TYR A 136 -12.16 -15.44 13.60
CA TYR A 136 -12.84 -16.58 14.21
C TYR A 136 -14.20 -16.18 14.78
N SER A 137 -14.35 -14.89 15.07
CA SER A 137 -15.51 -14.38 15.81
C SER A 137 -16.85 -14.72 15.16
N PRO A 138 -17.85 -15.08 15.97
CA PRO A 138 -19.18 -15.31 15.37
C PRO A 138 -19.79 -14.01 14.86
N GLN A 139 -19.24 -12.86 15.28
CA GLN A 139 -19.65 -11.58 14.75
C GLN A 139 -18.80 -11.12 13.55
N PHE A 140 -17.88 -11.97 13.10
CA PHE A 140 -17.15 -11.71 11.87
C PHE A 140 -18.03 -12.20 10.75
N VAL A 141 -18.88 -11.30 10.24
CA VAL A 141 -19.81 -11.64 9.18
C VAL A 141 -19.76 -10.59 8.07
N PRO A 142 -18.56 -10.37 7.51
CA PRO A 142 -18.38 -9.30 6.51
C PRO A 142 -19.28 -9.46 5.28
N LYS A 143 -19.51 -10.70 4.86
CA LYS A 143 -20.41 -10.93 3.73
C LYS A 143 -21.80 -10.37 4.00
N LEU A 144 -22.30 -10.54 5.23
CA LEU A 144 -23.59 -9.97 5.62
C LEU A 144 -23.54 -8.44 5.81
N GLY A 145 -22.33 -7.91 5.95
CA GLY A 145 -22.16 -6.47 6.04
C GLY A 145 -21.59 -5.95 7.33
N SER A 146 -21.12 -6.81 8.23
CA SER A 146 -20.53 -6.28 9.47
C SER A 146 -19.43 -7.14 10.07
N VAL A 147 -18.57 -6.50 10.85
CA VAL A 147 -17.62 -7.18 11.70
C VAL A 147 -17.61 -6.48 13.05
N ASN A 148 -17.20 -7.18 14.10
CA ASN A 148 -17.06 -6.51 15.40
C ASN A 148 -15.59 -6.37 15.77
N LEU A 149 -15.28 -5.26 16.42
CA LEU A 149 -13.93 -4.87 16.77
C LEU A 149 -13.73 -4.99 18.26
N ARG A 150 -12.53 -5.40 18.65
CA ARG A 150 -12.05 -5.24 20.02
C ARG A 150 -11.16 -4.00 20.00
N ILE A 151 -11.36 -3.06 20.93
CA ILE A 151 -10.49 -1.88 20.99
C ILE A 151 -9.89 -1.74 22.37
N SER A 152 -8.96 -0.78 22.51
CA SER A 152 -8.24 -0.52 23.76
C SER A 152 -9.00 0.33 24.76
N ASP A 153 -9.68 1.36 24.25
CA ASP A 153 -10.35 2.36 25.10
C ASP A 153 -11.83 2.46 24.76
N ASN A 154 -12.66 1.73 25.48
CA ASN A 154 -14.09 1.68 25.17
C ASN A 154 -14.81 2.99 25.46
N ASP A 155 -14.13 3.93 26.10
CA ASP A 155 -14.78 5.18 26.47
C ASP A 155 -14.49 6.33 25.51
N ASP A 156 -13.63 6.08 24.52
CA ASP A 156 -13.35 7.10 23.50
C ASP A 156 -13.59 6.52 22.12
N PHE A 157 -14.85 6.18 21.88
CA PHE A 157 -15.27 5.57 20.62
C PHE A 157 -16.73 5.90 20.38
N GLN A 158 -17.04 6.42 19.21
CA GLN A 158 -18.40 6.89 18.93
C GLN A 158 -19.06 6.15 17.78
N PHE A 159 -20.35 6.39 17.62
CA PHE A 159 -21.12 5.81 16.52
C PHE A 159 -20.98 6.73 15.31
N GLN A 160 -19.82 6.58 14.66
CA GLN A 160 -19.35 7.48 13.62
C GLN A 160 -18.55 6.74 12.54
N PRO A 161 -18.33 7.38 11.38
CA PRO A 161 -17.48 6.80 10.33
C PRO A 161 -16.13 6.34 10.89
N THR A 162 -15.74 5.13 10.50
CA THR A 162 -14.61 4.42 11.11
C THR A 162 -13.80 3.71 10.03
N LYS A 163 -12.48 3.79 10.13
CA LYS A 163 -11.58 3.03 9.28
C LYS A 163 -10.70 2.15 10.15
N PHE A 164 -10.44 0.94 9.64
CA PHE A 164 -9.49 0.03 10.26
C PHE A 164 -8.27 -0.12 9.37
N THR A 165 -7.11 0.18 9.94
CA THR A 165 -5.83 0.09 9.26
C THR A 165 -5.05 -1.08 9.84
N PRO A 166 -4.80 -2.11 9.04
CA PRO A 166 -4.09 -3.26 9.60
C PRO A 166 -2.61 -3.00 9.75
N VAL A 167 -2.03 -3.65 10.75
CA VAL A 167 -0.58 -3.56 10.97
C VAL A 167 0.05 -4.95 10.96
N GLY A 168 -0.59 -5.92 11.63
CA GLY A 168 -0.04 -7.26 11.70
C GLY A 168 -1.10 -8.29 12.01
N VAL A 169 -0.64 -9.50 12.32
CA VAL A 169 -1.53 -10.61 12.65
C VAL A 169 -1.03 -11.32 13.90
N ASN A 170 -1.85 -12.22 14.44
CA ASN A 170 -1.41 -13.10 15.50
C ASN A 170 -2.37 -14.24 15.70
N ASP A 171 -1.93 -15.22 16.47
CA ASP A 171 -2.79 -16.19 17.09
C ASP A 171 -3.70 -15.44 18.06
N ASP A 172 -4.89 -15.95 18.34
CA ASP A 172 -5.58 -15.49 19.52
C ASP A 172 -4.96 -16.23 20.71
N ASP A 173 -5.10 -15.68 21.91
CA ASP A 173 -4.38 -16.20 23.09
C ASP A 173 -5.13 -17.29 23.86
N ASP A 174 -6.09 -17.95 23.22
CA ASP A 174 -6.97 -18.89 23.91
C ASP A 174 -7.25 -20.18 23.12
N GLY A 175 -6.37 -20.52 22.19
CA GLY A 175 -6.50 -21.77 21.45
C GLY A 175 -7.09 -21.62 20.05
N HIS A 176 -7.07 -20.40 19.52
CA HIS A 176 -7.48 -20.14 18.12
C HIS A 176 -6.31 -19.59 17.32
N PRO A 177 -5.55 -20.50 16.67
CA PRO A 177 -4.28 -20.10 16.08
C PRO A 177 -4.38 -19.37 14.74
N PHE A 178 -3.32 -18.63 14.42
CA PHE A 178 -3.20 -18.04 13.10
C PHE A 178 -2.97 -19.14 12.07
N ARG A 179 -3.91 -19.26 11.14
CA ARG A 179 -3.90 -20.31 10.12
C ARG A 179 -4.14 -19.69 8.74
N GLN A 180 -3.05 -19.42 8.02
CA GLN A 180 -3.17 -18.61 6.82
C GLN A 180 -3.92 -19.27 5.67
N TRP A 181 -4.12 -20.58 5.74
CA TRP A 181 -4.78 -21.29 4.64
C TRP A 181 -6.19 -21.74 4.98
N GLU A 182 -6.67 -21.34 6.16
CA GLU A 182 -8.02 -21.63 6.57
C GLU A 182 -8.87 -20.38 6.35
N LEU A 183 -9.85 -20.48 5.47
CA LEU A 183 -10.75 -19.35 5.23
C LEU A 183 -11.64 -19.09 6.42
N PRO A 184 -11.91 -17.81 6.71
CA PRO A 184 -12.98 -17.54 7.66
C PRO A 184 -14.35 -17.89 7.07
N ASN A 185 -15.36 -17.94 7.93
CA ASN A 185 -16.74 -18.01 7.48
C ASN A 185 -17.28 -16.61 7.28
N TYR A 186 -17.35 -16.17 6.03
CA TYR A 186 -17.64 -14.76 5.75
C TYR A 186 -19.06 -14.38 6.14
N SER A 187 -19.96 -15.35 6.22
CA SER A 187 -21.32 -15.10 6.67
C SER A 187 -21.59 -15.72 8.04
N GLY A 188 -20.52 -16.13 8.72
CA GLY A 188 -20.62 -16.67 10.07
C GLY A 188 -20.97 -18.15 10.13
N GLU A 189 -21.24 -18.61 11.35
CA GLU A 189 -21.41 -20.03 11.62
C GLU A 189 -22.60 -20.59 10.84
N LEU A 190 -22.41 -21.80 10.33
CA LEU A 190 -23.47 -22.58 9.66
C LEU A 190 -23.84 -22.10 8.26
N THR A 191 -23.03 -21.22 7.70
CA THR A 191 -23.27 -20.70 6.37
CA THR A 191 -23.28 -20.72 6.36
C THR A 191 -22.06 -20.95 5.49
N LEU A 192 -22.28 -21.46 4.29
CA LEU A 192 -21.22 -21.75 3.36
C LEU A 192 -20.68 -20.49 2.74
N ASN A 193 -19.38 -20.46 2.47
CA ASN A 193 -18.82 -19.39 1.69
C ASN A 193 -19.26 -19.57 0.23
N MET A 194 -19.37 -18.47 -0.51
CA MET A 194 -19.75 -18.50 -1.92
C MET A 194 -18.94 -17.51 -2.76
N ASN A 195 -19.03 -17.67 -4.08
CA ASN A 195 -18.35 -16.80 -5.04
C ASN A 195 -16.83 -16.83 -4.86
N LEU A 196 -16.32 -17.95 -4.37
CA LEU A 196 -14.90 -18.08 -4.08
C LEU A 196 -14.04 -18.19 -5.34
N ALA A 197 -12.85 -17.59 -5.29
CA ALA A 197 -11.81 -17.93 -6.23
C ALA A 197 -11.49 -19.41 -6.02
N PRO A 198 -11.27 -20.15 -7.11
CA PRO A 198 -11.08 -21.59 -6.94
C PRO A 198 -9.81 -22.02 -6.19
N PRO A 199 -9.83 -23.26 -5.69
CA PRO A 199 -8.60 -23.78 -5.09
C PRO A 199 -7.53 -23.96 -6.16
N VAL A 200 -6.27 -23.93 -5.74
CA VAL A 200 -5.16 -24.10 -6.65
C VAL A 200 -4.28 -25.22 -6.14
N ALA A 201 -3.74 -25.99 -7.08
CA ALA A 201 -2.84 -27.09 -6.77
C ALA A 201 -2.04 -27.45 -8.02
N PRO A 202 -0.85 -28.02 -7.84
CA PRO A 202 -0.14 -28.51 -9.01
C PRO A 202 -0.91 -29.68 -9.62
N ASN A 203 -0.85 -29.79 -10.94
CA ASN A 203 -1.50 -30.90 -11.64
C ASN A 203 -0.47 -31.67 -12.43
N PHE A 204 0.75 -31.69 -11.92
CA PHE A 204 1.86 -32.34 -12.60
C PHE A 204 2.74 -33.05 -11.57
N PRO A 205 3.09 -34.33 -11.84
CA PRO A 205 4.03 -35.05 -10.98
C PRO A 205 5.32 -34.28 -10.75
N GLY A 206 5.72 -34.13 -9.49
CA GLY A 206 6.99 -33.51 -9.18
C GLY A 206 6.90 -32.00 -9.04
N GLU A 207 5.71 -31.41 -9.22
CA GLU A 207 5.56 -29.96 -9.09
C GLU A 207 4.98 -29.52 -7.75
N GLN A 208 5.36 -28.31 -7.34
CA GLN A 208 4.89 -27.68 -6.11
C GLN A 208 4.51 -26.25 -6.41
N LEU A 209 3.64 -25.69 -5.59
CA LEU A 209 3.38 -24.28 -5.65
C LEU A 209 4.61 -23.48 -5.24
N LEU A 210 4.79 -22.34 -5.89
CA LEU A 210 5.78 -21.36 -5.50
C LEU A 210 5.06 -20.15 -4.94
N PHE A 211 5.49 -19.68 -3.78
CA PHE A 211 4.84 -18.56 -3.11
C PHE A 211 5.77 -17.35 -2.99
N PHE A 212 5.18 -16.16 -3.00
CA PHE A 212 5.86 -14.94 -2.57
C PHE A 212 5.56 -14.73 -1.11
N ARG A 213 6.60 -14.84 -0.28
CA ARG A 213 6.45 -14.91 1.16
C ARG A 213 6.83 -13.62 1.87
N SER A 214 6.00 -13.26 2.85
CA SER A 214 6.31 -12.21 3.79
C SER A 214 6.28 -12.67 5.23
N PHE A 215 7.10 -12.04 6.05
CA PHE A 215 7.07 -12.18 7.49
C PHE A 215 6.51 -10.90 8.06
N VAL A 216 5.23 -10.97 8.41
CA VAL A 216 4.49 -9.78 8.82
C VAL A 216 4.58 -9.56 10.33
N PRO A 217 4.23 -8.35 10.77
CA PRO A 217 4.40 -8.10 12.20
C PRO A 217 3.46 -8.93 13.07
N CYS A 218 3.92 -9.30 14.25
CA CYS A 218 3.08 -9.92 15.26
C CYS A 218 3.10 -9.10 16.56
N SER A 219 2.08 -9.29 17.39
CA SER A 219 1.86 -8.41 18.53
C SER A 219 2.12 -9.10 19.85
N GLY A 220 2.94 -10.13 19.84
CA GLY A 220 3.25 -10.83 21.07
C GLY A 220 3.46 -12.29 20.75
N GLY A 221 4.20 -13.00 21.60
CA GLY A 221 4.50 -14.37 21.33
C GLY A 221 5.57 -14.54 20.25
N TYR A 222 5.57 -15.74 19.68
CA TYR A 222 6.69 -16.19 18.86
C TYR A 222 6.29 -16.52 17.42
N ASN A 223 5.07 -16.17 17.03
CA ASN A 223 4.65 -16.50 15.67
C ASN A 223 5.53 -15.82 14.61
N GLN A 224 5.87 -16.57 13.56
CA GLN A 224 6.75 -16.06 12.51
C GLN A 224 6.07 -15.08 11.56
N GLY A 225 4.76 -14.94 11.66
CA GLY A 225 4.02 -14.02 10.82
C GLY A 225 4.06 -14.35 9.33
N ILE A 226 4.10 -15.62 8.99
CA ILE A 226 4.23 -16.00 7.58
C ILE A 226 2.90 -15.83 6.84
N ILE A 227 2.93 -15.05 5.77
CA ILE A 227 1.83 -14.94 4.83
C ILE A 227 2.39 -15.12 3.44
N ASP A 228 1.94 -16.18 2.80
CA ASP A 228 2.31 -16.53 1.44
C ASP A 228 1.25 -16.10 0.45
N CYS A 229 1.63 -15.43 -0.62
CA CYS A 229 0.67 -15.15 -1.69
C CYS A 229 1.08 -15.78 -3.01
N LEU A 230 0.10 -15.90 -3.88
CA LEU A 230 0.29 -16.64 -5.13
C LEU A 230 0.97 -15.82 -6.20
N ILE A 231 0.58 -14.55 -6.30
CA ILE A 231 1.24 -13.58 -7.17
C ILE A 231 1.22 -12.27 -6.42
N PRO A 232 2.24 -11.43 -6.58
CA PRO A 232 2.29 -10.18 -5.84
C PRO A 232 1.30 -9.16 -6.36
N GLN A 233 0.97 -8.18 -5.53
CA GLN A 233 0.00 -7.16 -5.87
C GLN A 233 0.33 -6.43 -7.18
N GLU A 234 1.62 -6.16 -7.43
CA GLU A 234 1.98 -5.45 -8.65
C GLU A 234 1.70 -6.26 -9.90
N TRP A 235 1.76 -7.59 -9.81
CA TRP A 235 1.44 -8.41 -10.98
C TRP A 235 -0.06 -8.28 -11.24
N ILE A 236 -0.86 -8.31 -10.17
CA ILE A 236 -2.31 -8.19 -10.30
C ILE A 236 -2.67 -6.85 -10.95
N GLN A 237 -2.06 -5.77 -10.46
CA GLN A 237 -2.26 -4.44 -11.02
C GLN A 237 -1.88 -4.40 -12.52
N HIS A 238 -0.77 -5.02 -12.86
CA HIS A 238 -0.29 -5.09 -14.24
C HIS A 238 -1.26 -5.87 -15.13
N PHE A 239 -1.68 -7.04 -14.70
CA PHE A 239 -2.59 -7.87 -15.50
C PHE A 239 -3.93 -7.17 -15.72
N TYR A 240 -4.43 -6.52 -14.68
CA TYR A 240 -5.65 -5.73 -14.81
C TYR A 240 -5.52 -4.63 -15.89
N GLN A 241 -4.39 -3.93 -15.92
CA GLN A 241 -4.19 -2.90 -16.94
C GLN A 241 -4.08 -3.49 -18.31
N GLU A 242 -3.24 -4.52 -18.44
CA GLU A 242 -2.89 -5.06 -19.74
C GLU A 242 -4.01 -5.85 -20.38
N SER A 243 -4.72 -6.66 -19.59
CA SER A 243 -5.78 -7.52 -20.11
C SER A 243 -5.34 -8.24 -21.39
N ALA A 244 -4.15 -8.82 -21.35
CA ALA A 244 -3.63 -9.59 -22.47
C ALA A 244 -4.25 -10.99 -22.52
N PRO A 245 -4.77 -11.40 -23.68
CA PRO A 245 -5.40 -12.72 -23.73
C PRO A 245 -4.40 -13.85 -23.44
N SER A 246 -4.85 -14.82 -22.66
CA SER A 246 -4.06 -16.01 -22.39
C SER A 246 -4.18 -16.97 -23.56
N GLN A 247 -3.06 -17.39 -24.12
CA GLN A 247 -3.09 -18.22 -25.32
C GLN A 247 -3.08 -19.72 -25.02
N SER A 248 -2.79 -20.05 -23.78
CA SER A 248 -2.90 -21.42 -23.30
C SER A 248 -3.17 -21.37 -21.81
N ASP A 249 -3.29 -22.55 -21.19
CA ASP A 249 -3.57 -22.63 -19.76
C ASP A 249 -2.31 -22.37 -18.93
N VAL A 250 -1.14 -22.36 -19.58
CA VAL A 250 0.14 -22.28 -18.86
C VAL A 250 1.16 -21.37 -19.56
N ALA A 251 1.64 -20.37 -18.84
CA ALA A 251 2.71 -19.50 -19.32
C ALA A 251 4.05 -19.92 -18.70
N LEU A 252 5.05 -20.17 -19.54
CA LEU A 252 6.38 -20.45 -19.04
C LEU A 252 7.06 -19.14 -18.67
N ILE A 253 7.52 -19.05 -17.43
CA ILE A 253 8.25 -17.87 -16.98
C ILE A 253 9.66 -18.27 -16.51
N ARG A 254 10.61 -17.35 -16.61
CA ARG A 254 12.01 -17.58 -16.24
C ARG A 254 12.46 -16.57 -15.20
N TYR A 255 13.12 -17.02 -14.15
CA TYR A 255 13.71 -16.10 -13.19
C TYR A 255 15.08 -15.73 -13.71
N VAL A 256 15.29 -14.46 -13.99
CA VAL A 256 16.50 -14.02 -14.66
CA VAL A 256 16.52 -14.05 -14.64
C VAL A 256 17.35 -13.12 -13.79
N ASN A 257 18.65 -13.19 -14.00
CA ASN A 257 19.58 -12.25 -13.43
C ASN A 257 19.92 -11.30 -14.56
N PRO A 258 19.39 -10.07 -14.52
CA PRO A 258 19.53 -9.18 -15.68
C PRO A 258 20.96 -8.72 -15.98
N ASP A 259 21.84 -8.69 -14.99
CA ASP A 259 23.22 -8.31 -15.24
C ASP A 259 23.93 -9.34 -16.11
N THR A 260 23.81 -10.62 -15.73
CA THR A 260 24.47 -11.69 -16.47
C THR A 260 23.61 -12.15 -17.65
N GLY A 261 22.30 -11.95 -17.54
CA GLY A 261 21.37 -12.34 -18.58
C GLY A 261 20.94 -13.79 -18.45
N ARG A 262 21.48 -14.48 -17.46
CA ARG A 262 21.23 -15.91 -17.29
C ARG A 262 19.90 -16.20 -16.63
N THR A 263 19.24 -17.25 -17.11
CA THR A 263 18.07 -17.82 -16.45
C THR A 263 18.50 -18.73 -15.29
N LEU A 264 18.00 -18.44 -14.09
CA LEU A 264 18.36 -19.19 -12.89
C LEU A 264 17.49 -20.42 -12.73
N PHE A 265 16.19 -20.29 -13.00
CA PHE A 265 15.26 -21.41 -13.00
C PHE A 265 14.03 -21.02 -13.78
N GLU A 266 13.20 -22.00 -14.11
CA GLU A 266 11.95 -21.71 -14.79
C GLU A 266 10.77 -22.21 -13.98
N ALA A 267 9.61 -21.68 -14.31
CA ALA A 267 8.38 -22.00 -13.59
C ALA A 267 7.19 -21.89 -14.52
N LYS A 268 6.09 -22.51 -14.12
CA LYS A 268 4.82 -22.42 -14.84
C LYS A 268 3.92 -21.42 -14.15
N LEU A 269 3.44 -20.46 -14.92
CA LEU A 269 2.47 -19.48 -14.42
C LEU A 269 1.14 -19.84 -15.05
N HIS A 270 0.24 -20.33 -14.20
CA HIS A 270 -1.05 -20.82 -14.66
C HIS A 270 -2.11 -19.74 -14.89
N ARG A 271 -2.99 -20.00 -15.86
CA ARG A 271 -4.06 -19.09 -16.27
C ARG A 271 -4.79 -18.43 -15.11
N SER A 272 -5.10 -19.18 -14.05
CA SER A 272 -5.87 -18.62 -12.95
C SER A 272 -5.02 -17.83 -11.95
N GLY A 273 -3.70 -17.79 -12.18
CA GLY A 273 -2.83 -16.87 -11.45
C GLY A 273 -2.10 -17.46 -10.28
N TYR A 274 -1.26 -18.45 -10.57
CA TYR A 274 -0.41 -19.08 -9.56
C TYR A 274 0.75 -19.73 -10.25
N ILE A 275 1.77 -20.01 -9.47
CA ILE A 275 3.03 -20.52 -10.02
C ILE A 275 3.35 -21.89 -9.49
N THR A 276 3.82 -22.77 -10.37
CA THR A 276 4.41 -24.03 -9.91
C THR A 276 5.85 -24.18 -10.40
N VAL A 277 6.60 -24.94 -9.61
CA VAL A 277 7.97 -25.27 -9.92
C VAL A 277 8.18 -26.78 -9.76
N ALA A 278 9.17 -27.31 -10.45
CA ALA A 278 9.53 -28.71 -10.28
C ALA A 278 10.47 -28.86 -9.11
N HIS A 279 9.92 -29.25 -7.95
CA HIS A 279 10.70 -29.42 -6.75
C HIS A 279 9.98 -30.31 -5.76
N SER A 280 10.77 -30.96 -4.91
CA SER A 280 10.23 -31.81 -3.86
C SER A 280 10.76 -31.41 -2.48
N GLY A 281 9.89 -30.88 -1.63
CA GLY A 281 10.26 -30.48 -0.29
C GLY A 281 9.95 -29.02 -0.02
N ASP A 282 9.77 -28.65 1.25
CA ASP A 282 9.69 -27.24 1.62
C ASP A 282 11.05 -26.64 1.33
N TYR A 283 11.08 -25.46 0.73
CA TYR A 283 12.35 -24.89 0.34
C TYR A 283 12.29 -23.37 0.18
N PRO A 284 13.01 -22.64 1.03
CA PRO A 284 13.17 -21.20 0.80
C PRO A 284 14.23 -20.97 -0.26
N LEU A 285 13.86 -20.32 -1.36
CA LEU A 285 14.80 -20.10 -2.45
C LEU A 285 15.82 -19.04 -2.06
N VAL A 286 17.05 -19.25 -2.51
CA VAL A 286 18.10 -18.27 -2.40
C VAL A 286 18.44 -17.83 -3.80
N VAL A 287 18.16 -16.56 -4.07
CA VAL A 287 18.35 -16.00 -5.38
C VAL A 287 18.87 -14.57 -5.24
N PRO A 288 19.56 -14.07 -6.27
CA PRO A 288 20.17 -12.74 -6.24
C PRO A 288 19.12 -11.64 -6.11
N ALA A 289 19.51 -10.55 -5.45
CA ALA A 289 18.59 -9.47 -5.11
C ALA A 289 18.02 -8.79 -6.33
N ASN A 290 18.78 -8.76 -7.43
CA ASN A 290 18.33 -8.14 -8.67
C ASN A 290 17.47 -9.06 -9.54
N GLY A 291 17.23 -10.28 -9.08
CA GLY A 291 16.47 -11.24 -9.87
C GLY A 291 15.00 -10.91 -10.07
N HIS A 292 14.43 -11.34 -11.20
CA HIS A 292 13.00 -11.19 -11.44
C HIS A 292 12.52 -12.14 -12.52
N PHE A 293 11.22 -12.43 -12.50
CA PHE A 293 10.61 -13.24 -13.53
C PHE A 293 10.38 -12.47 -14.82
N ARG A 294 10.56 -13.16 -15.94
CA ARG A 294 10.09 -12.67 -17.24
C ARG A 294 9.28 -13.76 -17.91
N PHE A 295 8.30 -13.34 -18.70
CA PHE A 295 7.52 -14.25 -19.51
C PHE A 295 8.38 -14.75 -20.65
N ASP A 296 8.37 -16.06 -20.83
CA ASP A 296 9.10 -16.67 -21.93
C ASP A 296 8.15 -17.02 -23.08
N SER A 297 7.16 -17.87 -22.83
CA SER A 297 6.33 -18.41 -23.91
C SER A 297 5.13 -19.17 -23.36
N TRP A 298 4.09 -19.29 -24.18
CA TRP A 298 2.95 -20.12 -23.85
C TRP A 298 3.21 -21.60 -24.10
N VAL A 299 2.98 -22.40 -23.07
CA VAL A 299 3.17 -23.84 -23.15
C VAL A 299 1.86 -24.53 -22.78
N ASN A 300 1.93 -25.74 -22.22
CA ASN A 300 0.69 -26.40 -21.80
C ASN A 300 0.96 -27.43 -20.73
N GLN A 301 -0.06 -28.20 -20.39
CA GLN A 301 0.04 -29.17 -19.31
C GLN A 301 1.01 -30.31 -19.64
N PHE A 302 1.39 -30.46 -20.90
CA PHE A 302 2.37 -31.48 -21.27
C PHE A 302 3.79 -31.08 -20.89
N TYR A 303 4.03 -29.79 -20.72
CA TYR A 303 5.38 -29.27 -20.58
C TYR A 303 5.99 -29.72 -19.28
N SER A 304 7.19 -30.29 -19.36
CA SER A 304 7.92 -30.69 -18.18
C SER A 304 8.96 -29.65 -17.80
N LEU A 305 8.78 -29.04 -16.64
CA LEU A 305 9.72 -28.07 -16.15
C LEU A 305 11.07 -28.65 -15.85
N ALA A 306 12.10 -27.87 -16.15
CA ALA A 306 13.42 -28.22 -15.68
C ALA A 306 13.38 -28.20 -14.16
N PRO A 307 14.01 -29.20 -13.51
CA PRO A 307 14.05 -29.27 -12.05
C PRO A 307 14.59 -27.99 -11.44
N MET A 308 13.89 -27.46 -10.45
CA MET A 308 14.31 -26.23 -9.81
C MET A 308 15.57 -26.48 -9.00
N SER B 2 10.34 4.76 -30.46
CA SER B 2 9.83 5.66 -29.41
C SER B 2 8.54 5.15 -28.79
N LYS B 3 8.67 4.46 -27.65
CA LYS B 3 7.51 3.93 -26.93
C LYS B 3 6.50 5.05 -26.64
N PRO B 4 5.22 4.86 -27.04
CA PRO B 4 4.21 5.87 -26.74
C PRO B 4 3.95 6.02 -25.24
N PHE B 5 3.91 7.26 -24.81
CA PHE B 5 3.58 7.59 -23.44
C PHE B 5 2.12 7.27 -23.17
N SER B 6 1.83 6.92 -21.92
CA SER B 6 0.49 6.55 -21.48
C SER B 6 0.33 6.69 -19.97
N LEU B 7 -0.93 6.75 -19.54
CA LEU B 7 -1.30 6.69 -18.12
C LEU B 7 -1.94 5.35 -17.81
N PRO B 8 -1.82 4.87 -16.56
CA PRO B 8 -2.65 3.70 -16.24
C PRO B 8 -4.13 4.10 -16.17
N ILE B 9 -5.05 3.20 -16.47
CA ILE B 9 -6.48 3.54 -16.50
C ILE B 9 -7.06 3.20 -15.14
N LEU B 10 -7.18 4.21 -14.27
CA LEU B 10 -7.63 4.03 -12.89
C LEU B 10 -8.48 5.20 -12.43
N THR B 11 -9.59 4.87 -11.78
CA THR B 11 -10.47 5.87 -11.19
C THR B 11 -9.85 6.40 -9.90
N LEU B 12 -10.38 7.49 -9.35
CA LEU B 12 -9.74 8.07 -8.16
C LEU B 12 -9.68 7.07 -7.01
N SER B 13 -10.74 6.28 -6.82
CA SER B 13 -10.74 5.36 -5.70
C SER B 13 -9.85 4.14 -5.99
N GLU B 14 -9.25 4.09 -7.18
CA GLU B 14 -8.27 3.03 -7.52
C GLU B 14 -6.85 3.57 -7.48
N LEU B 15 -6.68 4.75 -6.89
CA LEU B 15 -5.38 5.39 -6.82
C LEU B 15 -4.95 5.56 -5.37
N THR B 16 -3.66 5.43 -5.15
CA THR B 16 -3.03 5.62 -3.84
C THR B 16 -2.30 6.95 -3.80
N ASN B 17 -2.46 7.69 -2.71
CA ASN B 17 -1.66 8.88 -2.49
C ASN B 17 -0.17 8.51 -2.46
N SER B 18 0.66 9.28 -3.13
CA SER B 18 2.08 8.98 -3.16
C SER B 18 2.85 9.60 -1.97
N ARG B 19 2.15 10.35 -1.13
CA ARG B 19 2.74 10.99 0.03
C ARG B 19 2.24 10.44 1.37
N PHE B 20 1.22 9.59 1.34
CA PHE B 20 0.75 8.90 2.55
C PHE B 20 -0.03 7.64 2.10
N PRO B 21 0.11 6.52 2.83
CA PRO B 21 -0.38 5.24 2.28
C PRO B 21 -1.89 5.03 2.45
N VAL B 22 -2.65 5.83 1.72
CA VAL B 22 -4.11 5.82 1.74
C VAL B 22 -4.62 6.10 0.32
N PRO B 23 -5.87 5.73 0.03
CA PRO B 23 -6.45 6.05 -1.28
C PRO B 23 -6.62 7.54 -1.52
N ILE B 24 -6.65 7.94 -2.79
CA ILE B 24 -7.09 9.29 -3.18
C ILE B 24 -8.59 9.45 -2.94
N ASP B 25 -8.99 10.60 -2.41
CA ASP B 25 -10.38 10.92 -2.17
C ASP B 25 -10.96 11.84 -3.23
N SER B 26 -10.19 12.84 -3.68
CA SER B 26 -10.70 13.84 -4.59
C SER B 26 -9.59 14.60 -5.31
N LEU B 27 -9.99 15.40 -6.29
CA LEU B 27 -9.10 16.33 -6.96
C LEU B 27 -9.31 17.74 -6.41
N PHE B 28 -8.22 18.51 -6.34
CA PHE B 28 -8.27 19.86 -5.81
C PHE B 28 -7.31 20.76 -6.58
N THR B 29 -7.73 21.95 -6.98
CA THR B 29 -6.78 22.91 -7.53
C THR B 29 -6.63 24.08 -6.55
N ALA B 30 -5.39 24.55 -6.41
CA ALA B 30 -5.05 25.53 -5.39
C ALA B 30 -4.68 26.88 -5.97
N GLN B 31 -5.09 27.92 -5.26
CA GLN B 31 -4.67 29.28 -5.54
C GLN B 31 -3.16 29.39 -5.48
N ASN B 32 -2.56 30.05 -6.48
CA ASN B 32 -1.13 30.31 -6.46
C ASN B 32 -0.85 31.33 -5.38
N ASN B 33 0.09 31.03 -4.51
CA ASN B 33 0.56 32.03 -3.55
C ASN B 33 2.00 31.74 -3.16
N VAL B 34 2.51 32.41 -2.12
CA VAL B 34 3.90 32.24 -1.72
C VAL B 34 4.16 30.81 -1.21
N LEU B 35 3.10 30.02 -1.05
CA LEU B 35 3.21 28.60 -0.71
C LEU B 35 4.07 27.89 -1.74
N GLN B 36 5.26 27.49 -1.33
CA GLN B 36 6.17 26.77 -2.22
C GLN B 36 5.97 25.27 -2.07
N VAL B 37 5.65 24.61 -3.18
CA VAL B 37 5.44 23.16 -3.17
C VAL B 37 6.75 22.48 -3.53
N GLN B 38 7.25 21.65 -2.61
CA GLN B 38 8.50 20.96 -2.82
C GLN B 38 8.50 19.65 -2.08
N CYS B 39 7.42 18.89 -2.26
CA CYS B 39 7.35 17.59 -1.63
C CYS B 39 8.42 16.68 -2.20
N GLN B 40 8.80 15.68 -1.43
CA GLN B 40 9.90 14.80 -1.80
C GLN B 40 9.45 13.38 -2.06
N ASN B 41 8.34 12.99 -1.46
CA ASN B 41 7.64 11.77 -1.89
C ASN B 41 6.70 12.09 -3.04
N GLY B 42 6.41 11.11 -3.88
CA GLY B 42 5.52 11.33 -5.00
C GLY B 42 6.16 12.16 -6.08
N ARG B 43 7.46 11.98 -6.28
CA ARG B 43 8.20 12.73 -7.29
C ARG B 43 8.79 11.76 -8.33
N CYS B 44 8.38 11.95 -9.57
CA CYS B 44 8.78 11.09 -10.68
C CYS B 44 8.58 11.82 -11.98
N THR B 45 9.57 11.75 -12.86
CA THR B 45 9.42 12.33 -14.17
C THR B 45 8.53 11.44 -15.05
N LEU B 46 8.03 11.98 -16.14
CA LEU B 46 7.15 11.22 -17.01
C LEU B 46 7.86 10.06 -17.69
N ASP B 47 9.19 10.14 -17.83
CA ASP B 47 9.91 9.04 -18.46
C ASP B 47 10.48 8.08 -17.41
N GLY B 48 10.04 8.22 -16.16
CA GLY B 48 10.20 7.17 -15.17
C GLY B 48 11.35 7.28 -14.20
N GLU B 49 11.88 8.49 -14.03
CA GLU B 49 12.95 8.72 -13.03
C GLU B 49 12.39 9.18 -11.69
N LEU B 50 12.51 8.34 -10.67
CA LEU B 50 12.07 8.70 -9.33
C LEU B 50 13.02 9.73 -8.75
N GLN B 51 12.47 10.66 -7.98
CA GLN B 51 13.22 11.77 -7.43
C GLN B 51 12.92 11.93 -5.93
N GLY B 52 13.67 12.80 -5.27
CA GLY B 52 13.48 13.00 -3.85
C GLY B 52 13.65 11.73 -3.03
N THR B 53 12.72 11.50 -2.12
CA THR B 53 12.69 10.28 -1.30
C THR B 53 11.71 9.24 -1.84
N THR B 54 11.33 9.38 -3.10
CA THR B 54 10.31 8.53 -3.69
C THR B 54 10.81 7.12 -3.96
N GLN B 55 10.03 6.13 -3.53
CA GLN B 55 10.28 4.73 -3.84
C GLN B 55 8.98 4.09 -4.33
N LEU B 56 9.01 2.82 -4.74
CA LEU B 56 7.89 2.26 -5.51
C LEU B 56 6.77 1.69 -4.65
N LEU B 57 7.07 1.33 -3.41
CA LEU B 57 6.12 0.55 -2.61
C LEU B 57 5.13 1.45 -1.87
N PRO B 58 3.82 1.28 -2.11
CA PRO B 58 2.89 2.12 -1.38
C PRO B 58 3.00 1.91 0.14
N THR B 59 3.32 0.69 0.55
CA THR B 59 3.41 0.41 1.98
C THR B 59 4.72 0.94 2.58
N GLY B 60 5.62 1.46 1.75
CA GLY B 60 6.83 2.09 2.26
C GLY B 60 6.70 3.58 2.54
N ILE B 61 5.60 4.19 2.11
CA ILE B 61 5.48 5.63 2.25
C ILE B 61 5.26 6.00 3.73
N CYS B 62 6.15 6.85 4.27
CA CYS B 62 6.15 7.25 5.69
C CYS B 62 6.34 6.07 6.64
N ALA B 63 6.95 5.01 6.14
CA ALA B 63 7.37 3.89 7.00
C ALA B 63 8.84 4.00 7.34
N PHE B 64 9.22 3.36 8.44
CA PHE B 64 10.62 3.20 8.79
C PHE B 64 10.92 1.74 9.13
N ARG B 65 12.16 1.34 8.88
CA ARG B 65 12.67 0.03 9.24
C ARG B 65 14.05 0.18 9.84
N GLY B 66 14.36 -0.58 10.86
CA GLY B 66 15.67 -0.50 11.44
C GLY B 66 15.76 -1.28 12.73
N ARG B 67 16.53 -0.72 13.66
CA ARG B 67 16.82 -1.34 14.96
C ARG B 67 16.73 -0.25 16.00
N VAL B 68 16.10 -0.52 17.14
CA VAL B 68 16.14 0.41 18.26
C VAL B 68 17.40 0.09 19.05
N THR B 69 18.21 1.12 19.35
CA THR B 69 19.54 0.89 19.91
C THR B 69 19.76 1.57 21.24
N ALA B 70 18.94 2.56 21.57
CA ALA B 70 19.15 3.32 22.78
C ALA B 70 17.90 4.06 23.19
N GLN B 71 17.93 4.61 24.40
CA GLN B 71 16.90 5.57 24.79
C GLN B 71 17.52 6.78 25.43
N ILE B 72 16.81 7.89 25.38
CA ILE B 72 17.26 9.11 26.06
C ILE B 72 16.13 9.65 26.90
N ASN B 73 16.48 10.51 27.86
CA ASN B 73 15.49 11.09 28.75
C ASN B 73 14.82 12.33 28.16
N GLN B 74 14.17 12.09 27.02
CA GLN B 74 13.46 13.12 26.28
C GLN B 74 12.16 12.53 25.83
N ARG B 75 11.23 13.38 25.42
CA ARG B 75 9.96 12.94 24.89
C ARG B 75 10.14 12.00 23.70
N ASP B 76 11.03 12.37 22.78
CA ASP B 76 11.40 11.50 21.65
C ASP B 76 12.48 10.56 22.19
N ARG B 77 11.98 9.48 22.82
CA ARG B 77 12.75 8.68 23.74
CA ARG B 77 12.78 8.70 23.74
C ARG B 77 13.63 7.61 23.11
N TRP B 78 13.08 6.94 22.11
CA TRP B 78 13.67 5.70 21.63
C TRP B 78 14.39 5.92 20.32
N HIS B 79 15.68 5.64 20.34
CA HIS B 79 16.57 5.87 19.20
C HIS B 79 16.51 4.73 18.21
N MET B 80 16.04 5.01 17.03
CA MET B 80 15.89 4.00 15.98
C MET B 80 16.91 4.26 14.88
N GLN B 81 17.93 3.41 14.79
CA GLN B 81 18.88 3.41 13.68
C GLN B 81 18.20 2.83 12.46
N LEU B 82 18.26 3.58 11.35
CA LEU B 82 17.52 3.19 10.17
C LEU B 82 18.28 2.28 9.21
N GLN B 83 17.50 1.41 8.60
CA GLN B 83 17.89 0.67 7.41
C GLN B 83 17.10 1.24 6.24
N ASN B 84 17.46 0.87 5.02
CA ASN B 84 16.55 1.06 3.89
C ASN B 84 15.32 0.17 4.12
N LEU B 85 14.19 0.54 3.54
CA LEU B 85 12.96 -0.20 3.78
C LEU B 85 13.04 -1.67 3.41
N ASN B 86 13.93 -2.04 2.50
CA ASN B 86 14.12 -3.45 2.17
C ASN B 86 15.15 -4.16 3.07
N GLY B 87 15.53 -3.52 4.16
CA GLY B 87 16.40 -4.14 5.15
C GLY B 87 17.89 -4.05 4.88
N THR B 88 18.27 -3.49 3.73
CA THR B 88 19.68 -3.29 3.44
C THR B 88 20.21 -2.08 4.18
N THR B 89 21.52 -2.03 4.31
CA THR B 89 22.14 -0.99 5.11
CA THR B 89 22.18 -1.00 5.08
C THR B 89 21.99 0.38 4.46
N TYR B 90 21.58 1.33 5.27
CA TYR B 90 21.41 2.69 4.82
C TYR B 90 22.76 3.37 4.73
N ASP B 91 22.97 4.07 3.61
CA ASP B 91 24.17 4.81 3.35
C ASP B 91 23.94 6.33 3.39
N PRO B 92 24.41 7.00 4.46
CA PRO B 92 24.11 8.45 4.52
C PRO B 92 24.79 9.29 3.43
N THR B 93 25.77 8.72 2.71
CA THR B 93 26.46 9.47 1.67
C THR B 93 25.73 9.42 0.32
N ASP B 94 24.65 8.65 0.25
CA ASP B 94 23.79 8.58 -0.92
C ASP B 94 23.30 9.97 -1.34
N ASP B 95 23.13 10.19 -2.64
CA ASP B 95 22.58 11.45 -3.15
C ASP B 95 21.05 11.53 -3.07
N VAL B 96 20.53 11.34 -1.86
CA VAL B 96 19.11 11.44 -1.56
C VAL B 96 18.90 12.39 -0.39
N PRO B 97 17.70 12.96 -0.21
CA PRO B 97 17.50 13.85 0.94
C PRO B 97 17.50 13.12 2.27
N ALA B 98 17.12 11.85 2.22
CA ALA B 98 16.82 11.02 3.37
C ALA B 98 16.55 9.61 2.85
N PRO B 99 16.53 8.62 3.73
CA PRO B 99 16.13 7.28 3.31
C PRO B 99 14.79 7.31 2.54
N LEU B 100 14.68 6.53 1.48
CA LEU B 100 13.47 6.59 0.67
C LEU B 100 12.25 6.18 1.53
N GLY B 101 11.14 6.88 1.35
CA GLY B 101 9.94 6.69 2.16
C GLY B 101 9.77 7.63 3.35
N THR B 102 10.85 8.26 3.79
CA THR B 102 10.79 9.22 4.89
C THR B 102 9.68 10.24 4.70
N PRO B 103 8.92 10.57 5.76
CA PRO B 103 7.92 11.65 5.61
C PRO B 103 8.53 12.95 5.13
N ASP B 104 7.77 13.70 4.33
CA ASP B 104 8.27 14.95 3.74
C ASP B 104 7.48 16.18 4.21
N PHE B 105 6.92 16.10 5.41
CA PHE B 105 6.13 17.19 5.98
C PHE B 105 6.41 17.35 7.46
N LYS B 106 6.11 18.54 7.96
CA LYS B 106 6.22 18.83 9.39
C LYS B 106 4.96 18.40 10.08
N GLY B 107 5.09 17.66 11.17
CA GLY B 107 3.93 17.20 11.91
C GLY B 107 4.29 15.99 12.73
N VAL B 108 3.27 15.32 13.24
CA VAL B 108 3.46 14.06 13.95
C VAL B 108 2.77 12.96 13.16
N VAL B 109 3.51 11.91 12.83
CA VAL B 109 2.94 10.74 12.21
C VAL B 109 2.65 9.72 13.32
N PHE B 110 1.43 9.23 13.38
CA PHE B 110 1.11 8.22 14.37
C PHE B 110 0.86 6.91 13.66
N GLY B 111 1.11 5.83 14.39
CA GLY B 111 0.96 4.50 13.83
C GLY B 111 1.36 3.49 14.87
N MET B 112 1.97 2.40 14.44
CA MET B 112 2.38 1.36 15.38
C MET B 112 3.81 0.97 15.11
N VAL B 113 4.51 0.60 16.16
CA VAL B 113 5.82 -0.04 16.04
C VAL B 113 5.67 -1.51 16.34
N SER B 114 6.47 -2.32 15.69
CA SER B 114 6.48 -3.75 15.94
C SER B 114 7.95 -4.20 15.98
N GLN B 115 8.21 -5.21 16.81
CA GLN B 115 9.54 -5.77 16.94
C GLN B 115 9.51 -7.28 16.78
N ARG B 116 10.61 -7.82 16.28
CA ARG B 116 10.81 -9.27 16.23
C ARG B 116 12.27 -9.55 16.54
N ASN B 117 12.52 -10.21 17.66
CA ASN B 117 13.87 -10.39 18.17
C ASN B 117 14.72 -11.30 17.31
N VAL B 118 15.99 -10.96 17.19
CA VAL B 118 16.96 -11.87 16.57
C VAL B 118 18.14 -11.96 17.53
N GLY B 119 18.91 -13.03 17.39
CA GLY B 119 20.13 -13.17 18.15
C GLY B 119 19.94 -13.95 19.41
N ASN B 120 20.66 -13.56 20.46
CA ASN B 120 20.68 -14.36 21.69
C ASN B 120 19.56 -14.13 22.69
N ASP B 121 18.82 -13.05 22.56
CA ASP B 121 17.80 -12.69 23.53
C ASP B 121 16.41 -13.03 22.99
N ALA B 122 15.83 -14.15 23.44
CA ALA B 122 14.47 -14.55 23.10
C ALA B 122 14.19 -14.41 21.61
N PRO B 123 15.05 -15.03 20.77
CA PRO B 123 14.89 -14.91 19.32
C PRO B 123 13.50 -15.36 18.88
N GLY B 124 12.90 -14.53 18.03
CA GLY B 124 11.57 -14.79 17.55
C GLY B 124 10.46 -14.14 18.36
N SER B 125 10.76 -13.63 19.56
CA SER B 125 9.73 -13.00 20.36
C SER B 125 9.34 -11.68 19.70
N THR B 126 8.05 -11.35 19.81
CA THR B 126 7.51 -10.17 19.15
C THR B 126 6.73 -9.30 20.10
N ARG B 127 6.50 -8.06 19.71
CA ARG B 127 5.66 -7.13 20.44
C ARG B 127 5.28 -5.99 19.51
N ALA B 128 4.14 -5.37 19.76
CA ALA B 128 3.71 -4.21 18.96
C ALA B 128 2.89 -3.29 19.83
N GLN B 129 2.95 -2.00 19.52
CA GLN B 129 2.20 -0.98 20.25
C GLN B 129 2.12 0.31 19.47
N GLN B 130 1.31 1.23 19.93
CA GLN B 130 1.23 2.55 19.31
C GLN B 130 2.51 3.34 19.46
N ALA B 131 2.83 4.11 18.41
CA ALA B 131 3.98 4.98 18.43
C ALA B 131 3.71 6.24 17.62
N TRP B 132 4.55 7.24 17.85
CA TRP B 132 4.50 8.50 17.14
C TRP B 132 5.90 8.90 16.74
N VAL B 133 6.02 9.49 15.55
CA VAL B 133 7.24 10.11 15.08
C VAL B 133 6.97 11.59 14.82
N SER B 134 7.64 12.45 15.57
CA SER B 134 7.58 13.87 15.31
C SER B 134 8.67 14.31 14.37
N THR B 135 8.27 14.92 13.26
CA THR B 135 9.27 15.37 12.29
C THR B 135 9.81 16.77 12.63
N TYR B 136 9.31 17.34 13.71
CA TYR B 136 9.84 18.57 14.29
C TYR B 136 11.00 18.27 15.22
N SER B 137 11.08 17.02 15.68
CA SER B 137 12.02 16.65 16.74
C SER B 137 13.47 16.93 16.36
N PRO B 138 14.29 17.41 17.31
CA PRO B 138 15.73 17.52 17.01
C PRO B 138 16.40 16.16 16.79
N GLN B 139 15.72 15.09 17.18
CA GLN B 139 16.20 13.75 16.96
C GLN B 139 15.63 13.15 15.68
N PHE B 140 14.86 13.95 14.93
CA PHE B 140 14.41 13.50 13.62
C PHE B 140 15.54 13.82 12.66
N VAL B 141 16.45 12.85 12.48
CA VAL B 141 17.60 13.08 11.64
C VAL B 141 17.78 11.91 10.68
N PRO B 142 16.73 11.61 9.92
CA PRO B 142 16.77 10.40 9.09
C PRO B 142 17.92 10.42 8.06
N LYS B 143 18.27 11.58 7.51
CA LYS B 143 19.41 11.63 6.60
C LYS B 143 20.70 11.13 7.25
N LEU B 144 20.89 11.43 8.54
CA LEU B 144 22.08 10.96 9.27
C LEU B 144 21.94 9.50 9.65
N GLY B 145 20.73 8.95 9.58
CA GLY B 145 20.50 7.54 9.81
C GLY B 145 19.63 7.17 11.00
N SER B 146 18.99 8.14 11.66
CA SER B 146 18.14 7.79 12.79
C SER B 146 16.97 8.73 13.02
N VAL B 147 15.94 8.19 13.67
CA VAL B 147 14.83 8.97 14.19
C VAL B 147 14.51 8.46 15.56
N ASN B 148 13.90 9.30 16.38
CA ASN B 148 13.48 8.83 17.69
C ASN B 148 11.98 8.73 17.79
N LEU B 149 11.55 7.71 18.50
CA LEU B 149 10.15 7.34 18.63
C LEU B 149 9.61 7.71 19.99
N ARG B 150 8.36 8.16 20.00
CA ARG B 150 7.54 8.17 21.22
C ARG B 150 6.65 6.94 21.18
N ILE B 151 6.56 6.20 22.28
CA ILE B 151 5.69 5.00 22.33
C ILE B 151 4.79 5.07 23.56
N SER B 152 3.81 4.17 23.62
CA SER B 152 2.82 4.18 24.70
C SER B 152 3.23 3.46 25.97
N ASP B 153 4.01 2.39 25.82
CA ASP B 153 4.40 1.52 26.92
C ASP B 153 5.91 1.37 26.90
N ASN B 154 6.57 2.19 27.69
CA ASN B 154 8.03 2.23 27.69
C ASN B 154 8.63 1.01 28.36
N ASP B 155 7.80 0.19 29.00
CA ASP B 155 8.30 -1.01 29.66
C ASP B 155 8.27 -2.28 28.80
N ASP B 156 7.73 -2.21 27.59
CA ASP B 156 7.68 -3.39 26.70
C ASP B 156 8.25 -3.05 25.34
N PHE B 157 9.54 -2.76 25.34
CA PHE B 157 10.23 -2.30 24.12
C PHE B 157 11.71 -2.61 24.28
N GLN B 158 12.28 -3.31 23.31
CA GLN B 158 13.66 -3.80 23.42
C GLN B 158 14.59 -3.23 22.35
N PHE B 159 15.87 -3.53 22.49
CA PHE B 159 16.88 -3.13 21.49
C PHE B 159 16.94 -4.22 20.42
N GLN B 160 16.00 -4.14 19.48
CA GLN B 160 15.73 -5.21 18.54
C GLN B 160 15.24 -4.65 17.21
N PRO B 161 15.23 -5.47 16.15
CA PRO B 161 14.73 -5.02 14.86
C PRO B 161 13.29 -4.51 14.98
N THR B 162 13.02 -3.37 14.37
CA THR B 162 11.81 -2.60 14.58
C THR B 162 11.28 -2.09 13.25
N LYS B 163 9.96 -2.06 13.11
CA LYS B 163 9.30 -1.46 11.97
C LYS B 163 8.29 -0.47 12.50
N PHE B 164 8.18 0.66 11.83
CA PHE B 164 7.12 1.62 12.09
C PHE B 164 6.14 1.61 10.93
N THR B 165 4.87 1.38 11.25
CA THR B 165 3.78 1.39 10.28
C THR B 165 2.92 2.62 10.50
N PRO B 166 2.87 3.53 9.53
CA PRO B 166 2.08 4.74 9.72
C PRO B 166 0.59 4.48 9.57
N VAL B 167 -0.21 5.23 10.31
CA VAL B 167 -1.67 5.13 10.22
C VAL B 167 -2.26 6.49 9.87
N GLY B 168 -1.75 7.55 10.47
CA GLY B 168 -2.26 8.89 10.20
C GLY B 168 -1.32 9.98 10.67
N VAL B 169 -1.84 11.23 10.73
CA VAL B 169 -1.04 12.38 11.09
C VAL B 169 -1.80 13.27 12.05
N ASN B 170 -1.09 14.23 12.64
CA ASN B 170 -1.72 15.25 13.43
C ASN B 170 -0.75 16.38 13.74
N ASP B 171 -1.32 17.47 14.25
CA ASP B 171 -0.57 18.48 14.96
C ASP B 171 0.03 17.84 16.19
N ASP B 172 1.14 18.39 16.69
CA ASP B 172 1.66 17.93 17.97
C ASP B 172 0.79 18.52 19.08
N ASP B 173 0.84 17.93 20.27
CA ASP B 173 0.00 18.41 21.36
C ASP B 173 0.58 19.66 22.03
N ASP B 174 1.80 20.05 21.63
CA ASP B 174 2.45 21.24 22.18
C ASP B 174 2.27 22.45 21.25
N GLY B 175 1.49 22.26 20.20
CA GLY B 175 1.13 23.34 19.29
C GLY B 175 1.87 23.36 17.96
N HIS B 176 2.91 22.54 17.82
CA HIS B 176 3.63 22.45 16.54
C HIS B 176 2.68 21.87 15.47
N PRO B 177 2.36 22.66 14.44
CA PRO B 177 1.28 22.25 13.54
C PRO B 177 1.67 21.29 12.41
N PHE B 178 0.69 20.53 11.97
CA PHE B 178 0.82 19.73 10.75
C PHE B 178 0.81 20.66 9.54
N ARG B 179 1.95 20.70 8.85
CA ARG B 179 2.15 21.59 7.71
C ARG B 179 2.66 20.75 6.55
N GLN B 180 1.75 20.35 5.69
CA GLN B 180 2.08 19.39 4.65
C GLN B 180 3.09 19.91 3.60
N TRP B 181 3.22 21.24 3.43
CA TRP B 181 4.17 21.78 2.46
C TRP B 181 5.49 22.29 3.06
N GLU B 182 5.66 22.09 4.35
CA GLU B 182 6.92 22.44 5.02
C GLU B 182 7.75 21.20 5.20
N LEU B 183 8.93 21.19 4.60
CA LEU B 183 9.85 20.07 4.72
C LEU B 183 10.47 19.97 6.12
N PRO B 184 10.64 18.74 6.61
CA PRO B 184 11.46 18.63 7.82
C PRO B 184 12.93 18.96 7.55
N ASN B 185 13.69 19.15 8.61
CA ASN B 185 15.15 19.22 8.47
C ASN B 185 15.67 17.79 8.57
N TYR B 186 15.99 17.18 7.44
CA TYR B 186 16.29 15.75 7.42
C TYR B 186 17.58 15.40 8.21
N SER B 187 18.45 16.38 8.45
CA SER B 187 19.65 16.18 9.28
C SER B 187 19.59 16.98 10.56
N GLY B 188 18.43 17.49 10.94
CA GLY B 188 18.31 18.18 12.21
C GLY B 188 18.66 19.67 12.22
N GLU B 189 18.80 20.20 13.42
CA GLU B 189 18.99 21.62 13.64
C GLU B 189 20.27 22.10 12.99
N LEU B 190 20.20 23.28 12.38
CA LEU B 190 21.36 24.00 11.83
C LEU B 190 21.98 23.32 10.61
N THR B 191 21.22 22.42 9.99
CA THR B 191 21.63 21.79 8.75
C THR B 191 20.70 22.17 7.61
N LEU B 192 21.24 22.08 6.41
CA LEU B 192 20.52 22.35 5.19
C LEU B 192 20.18 21.04 4.48
N ASN B 193 18.94 20.94 4.04
CA ASN B 193 18.52 19.82 3.21
C ASN B 193 19.26 19.82 1.87
N MET B 194 19.60 18.64 1.37
CA MET B 194 20.28 18.50 0.09
C MET B 194 19.64 17.42 -0.78
N ASN B 195 20.01 17.42 -2.05
CA ASN B 195 19.55 16.41 -3.01
C ASN B 195 18.02 16.42 -3.17
N LEU B 196 17.42 17.58 -2.99
CA LEU B 196 15.98 17.74 -3.07
C LEU B 196 15.43 17.72 -4.49
N ALA B 197 14.31 17.02 -4.68
CA ALA B 197 13.50 17.27 -5.87
C ALA B 197 13.10 18.75 -5.87
N PRO B 198 13.09 19.38 -7.05
CA PRO B 198 12.94 20.83 -7.09
C PRO B 198 11.54 21.31 -6.73
N PRO B 199 11.43 22.59 -6.33
CA PRO B 199 10.09 23.14 -6.15
C PRO B 199 9.30 23.14 -7.44
N VAL B 200 7.98 23.13 -7.28
CA VAL B 200 7.05 23.00 -8.36
C VAL B 200 6.10 24.20 -8.35
N ALA B 201 5.86 24.82 -9.51
CA ALA B 201 4.89 25.91 -9.59
C ALA B 201 4.38 26.10 -11.01
N PRO B 202 3.18 26.66 -11.16
CA PRO B 202 2.73 27.03 -12.50
C PRO B 202 3.65 28.09 -13.10
N ASN B 203 3.79 28.05 -14.43
CA ASN B 203 4.69 28.94 -15.15
C ASN B 203 3.95 29.75 -16.22
N PHE B 204 2.65 29.51 -16.34
CA PHE B 204 1.84 30.09 -17.39
C PHE B 204 0.68 30.88 -16.79
N PRO B 205 0.38 32.07 -17.33
CA PRO B 205 -0.69 32.85 -16.71
C PRO B 205 -2.02 32.13 -16.68
N GLY B 206 -2.76 32.26 -15.60
CA GLY B 206 -4.05 31.62 -15.47
C GLY B 206 -4.03 30.17 -15.04
N GLU B 207 -2.85 29.59 -14.85
CA GLU B 207 -2.77 28.18 -14.47
C GLU B 207 -2.51 27.99 -12.98
N GLN B 208 -3.02 26.87 -12.47
CA GLN B 208 -2.87 26.47 -11.07
C GLN B 208 -2.48 25.01 -11.01
N LEU B 209 -1.74 24.60 -9.98
CA LEU B 209 -1.52 23.19 -9.74
C LEU B 209 -2.82 22.46 -9.46
N LEU B 210 -2.88 21.22 -9.91
CA LEU B 210 -3.96 20.30 -9.60
C LEU B 210 -3.37 19.20 -8.76
N PHE B 211 -4.02 18.91 -7.64
CA PHE B 211 -3.57 17.88 -6.71
C PHE B 211 -4.53 16.69 -6.63
N PHE B 212 -3.96 15.52 -6.39
CA PHE B 212 -4.72 14.35 -5.94
C PHE B 212 -4.72 14.37 -4.41
N ARG B 213 -5.92 14.53 -3.85
CA ARG B 213 -6.09 14.84 -2.43
C ARG B 213 -6.63 13.66 -1.63
N SER B 214 -6.07 13.45 -0.44
CA SER B 214 -6.57 12.48 0.53
C SER B 214 -6.86 13.16 1.86
N PHE B 215 -7.88 12.66 2.54
CA PHE B 215 -8.17 13.04 3.92
C PHE B 215 -7.79 11.87 4.81
N VAL B 216 -6.62 11.97 5.41
CA VAL B 216 -6.03 10.86 6.11
C VAL B 216 -6.49 10.84 7.58
N PRO B 217 -6.30 9.72 8.26
CA PRO B 217 -6.74 9.65 9.65
C PRO B 217 -6.04 10.64 10.56
N CYS B 218 -6.77 11.19 11.53
CA CYS B 218 -6.14 11.95 12.60
C CYS B 218 -6.49 11.32 13.95
N SER B 219 -5.68 11.65 14.96
CA SER B 219 -5.74 10.99 16.26
C SER B 219 -6.28 11.87 17.37
N GLY B 220 -7.10 12.84 17.03
CA GLY B 220 -7.68 13.73 18.02
C GLY B 220 -7.80 15.13 17.44
N GLY B 221 -8.74 15.93 17.95
CA GLY B 221 -8.95 17.25 17.38
C GLY B 221 -9.67 17.24 16.05
N TYR B 222 -9.53 18.31 15.30
CA TYR B 222 -10.39 18.57 14.15
C TYR B 222 -9.60 18.74 12.87
N ASN B 223 -8.32 18.37 12.87
CA ASN B 223 -7.55 18.46 11.64
C ASN B 223 -8.22 17.66 10.53
N GLN B 224 -8.28 18.24 9.33
CA GLN B 224 -8.92 17.58 8.20
C GLN B 224 -8.09 16.46 7.60
N GLY B 225 -6.81 16.39 7.98
CA GLY B 225 -5.92 15.34 7.50
C GLY B 225 -5.56 15.47 6.04
N ILE B 226 -5.58 16.68 5.49
CA ILE B 226 -5.31 16.86 4.06
C ILE B 226 -3.84 16.60 3.69
N ILE B 227 -3.65 15.63 2.78
CA ILE B 227 -2.37 15.41 2.13
C ILE B 227 -2.63 15.40 0.62
N ASP B 228 -1.99 16.34 -0.05
CA ASP B 228 -2.08 16.52 -1.47
C ASP B 228 -0.86 15.95 -2.16
N CYS B 229 -1.04 15.14 -3.19
CA CYS B 229 0.14 14.75 -3.97
C CYS B 229 0.04 15.20 -5.42
N LEU B 230 1.18 15.21 -6.11
CA LEU B 230 1.26 15.74 -7.46
C LEU B 230 0.81 14.75 -8.51
N ILE B 231 1.15 13.50 -8.29
CA ILE B 231 0.72 12.39 -9.14
C ILE B 231 0.62 11.21 -8.21
N PRO B 232 -0.38 10.35 -8.45
CA PRO B 232 -0.56 9.23 -7.53
C PRO B 232 0.53 8.16 -7.69
N GLN B 233 0.62 7.31 -6.68
CA GLN B 233 1.64 6.28 -6.67
C GLN B 233 1.56 5.36 -7.87
N GLU B 234 0.35 5.03 -8.33
CA GLU B 234 0.23 4.11 -9.46
C GLU B 234 0.77 4.71 -10.75
N TRP B 235 0.69 6.03 -10.88
CA TRP B 235 1.26 6.67 -12.06
C TRP B 235 2.79 6.59 -12.00
N ILE B 236 3.35 6.79 -10.81
CA ILE B 236 4.79 6.66 -10.64
C ILE B 236 5.25 5.26 -10.99
N GLN B 237 4.52 4.26 -10.49
CA GLN B 237 4.87 2.87 -10.77
C GLN B 237 4.79 2.60 -12.28
N HIS B 238 3.79 3.19 -12.93
CA HIS B 238 3.59 3.00 -14.37
C HIS B 238 4.70 3.64 -15.19
N PHE B 239 5.04 4.88 -14.85
CA PHE B 239 6.10 5.60 -15.57
C PHE B 239 7.44 4.88 -15.36
N TYR B 240 7.69 4.40 -14.16
CA TYR B 240 8.90 3.64 -13.91
C TYR B 240 8.98 2.41 -14.84
N GLN B 241 7.89 1.66 -14.97
CA GLN B 241 7.89 0.47 -15.84
C GLN B 241 8.05 0.85 -17.32
N GLU B 242 7.29 1.84 -17.75
CA GLU B 242 7.22 2.18 -19.17
C GLU B 242 8.44 2.92 -19.69
N SER B 243 8.94 3.89 -18.92
CA SER B 243 10.09 4.67 -19.35
C SER B 243 9.91 5.23 -20.76
N ALA B 244 8.71 5.70 -21.06
CA ALA B 244 8.44 6.25 -22.39
C ALA B 244 9.12 7.61 -22.53
N PRO B 245 9.84 7.84 -23.64
CA PRO B 245 10.49 9.14 -23.79
C PRO B 245 9.47 10.28 -23.81
N SER B 246 9.81 11.38 -23.14
CA SER B 246 9.00 12.59 -23.17
C SER B 246 9.33 13.36 -24.44
N GLN B 247 8.34 13.60 -25.28
CA GLN B 247 8.59 14.24 -26.57
C GLN B 247 8.64 15.76 -26.50
N SER B 248 8.08 16.32 -25.44
CA SER B 248 8.09 17.76 -25.23
C SER B 248 8.01 17.99 -23.73
N ASP B 249 7.93 19.26 -23.33
CA ASP B 249 7.90 19.61 -21.93
C ASP B 249 6.55 19.36 -21.25
N VAL B 250 5.52 19.14 -22.04
CA VAL B 250 4.15 19.02 -21.53
C VAL B 250 3.34 17.95 -22.28
N ALA B 251 2.71 17.08 -21.50
CA ALA B 251 1.77 16.11 -22.05
C ALA B 251 0.37 16.65 -21.76
N LEU B 252 -0.37 17.00 -22.81
CA LEU B 252 -1.76 17.34 -22.65
C LEU B 252 -2.53 16.09 -22.26
N ILE B 253 -3.32 16.19 -21.21
CA ILE B 253 -4.14 15.07 -20.75
C ILE B 253 -5.59 15.54 -20.60
N ARG B 254 -6.51 14.59 -20.67
CA ARG B 254 -7.95 14.84 -20.65
C ARG B 254 -8.59 13.99 -19.60
N TYR B 255 -9.45 14.59 -18.77
CA TYR B 255 -10.26 13.83 -17.82
C TYR B 255 -11.51 13.38 -18.54
N VAL B 256 -11.68 12.08 -18.67
CA VAL B 256 -12.79 11.55 -19.44
CA VAL B 256 -12.79 11.56 -19.44
C VAL B 256 -13.79 10.77 -18.59
N ASN B 257 -15.05 10.83 -19.01
CA ASN B 257 -16.09 9.97 -18.48
C ASN B 257 -16.23 8.80 -19.45
N PRO B 258 -15.69 7.63 -19.11
CA PRO B 258 -15.70 6.52 -20.07
C PRO B 258 -17.12 6.04 -20.41
N ASP B 259 -18.08 6.30 -19.55
CA ASP B 259 -19.45 5.87 -19.78
C ASP B 259 -20.06 6.59 -20.97
N THR B 260 -19.80 7.89 -21.07
CA THR B 260 -20.38 8.74 -22.11
C THR B 260 -19.39 9.04 -23.23
N GLY B 261 -18.11 8.91 -22.94
CA GLY B 261 -17.07 9.21 -23.90
C GLY B 261 -16.61 10.66 -23.87
N ARG B 262 -17.29 11.48 -23.07
CA ARG B 262 -17.02 12.91 -23.08
C ARG B 262 -15.82 13.31 -22.21
N THR B 263 -15.09 14.29 -22.70
CA THR B 263 -14.04 14.95 -21.94
C THR B 263 -14.64 16.03 -21.05
N LEU B 264 -14.32 15.92 -19.75
CA LEU B 264 -14.85 16.81 -18.73
C LEU B 264 -14.00 18.07 -18.60
N PHE B 265 -12.68 17.90 -18.65
CA PHE B 265 -11.76 19.03 -18.68
C PHE B 265 -10.39 18.55 -19.13
N GLU B 266 -9.54 19.50 -19.47
CA GLU B 266 -8.18 19.16 -19.87
C GLU B 266 -7.16 19.77 -18.92
N ALA B 267 -5.96 19.21 -18.94
CA ALA B 267 -4.89 19.64 -18.05
C ALA B 267 -3.56 19.40 -18.68
N LYS B 268 -2.52 20.02 -18.11
CA LYS B 268 -1.15 19.87 -18.58
C LYS B 268 -0.37 19.04 -17.61
N LEU B 269 0.19 17.93 -18.09
CA LEU B 269 1.02 17.06 -17.28
C LEU B 269 2.47 17.37 -17.66
N HIS B 270 3.15 18.07 -16.79
CA HIS B 270 4.51 18.54 -17.05
C HIS B 270 5.52 17.39 -16.95
N ARG B 271 6.57 17.46 -17.76
CA ARG B 271 7.48 16.34 -17.89
C ARG B 271 8.15 15.98 -16.56
N SER B 272 8.24 16.93 -15.63
CA SER B 272 8.86 16.64 -14.34
C SER B 272 7.86 16.11 -13.30
N GLY B 273 6.60 15.93 -13.70
CA GLY B 273 5.66 15.12 -12.93
C GLY B 273 4.73 15.88 -12.03
N TYR B 274 3.99 16.82 -12.61
CA TYR B 274 2.96 17.55 -11.91
C TYR B 274 1.97 18.08 -12.94
N ILE B 275 0.80 18.45 -12.45
CA ILE B 275 -0.32 18.84 -13.30
C ILE B 275 -0.77 20.26 -13.03
N THR B 276 -1.01 21.02 -14.11
CA THR B 276 -1.67 22.32 -14.00
C THR B 276 -2.97 22.33 -14.80
N VAL B 277 -3.88 23.16 -14.31
CA VAL B 277 -5.15 23.43 -14.98
C VAL B 277 -5.35 24.92 -15.08
N ALA B 278 -6.22 25.31 -15.99
CA ALA B 278 -6.57 26.73 -16.13
C ALA B 278 -7.78 27.04 -15.26
N HIS B 279 -7.53 27.63 -14.10
CA HIS B 279 -8.58 27.99 -13.16
C HIS B 279 -8.03 29.07 -12.25
N SER B 280 -8.94 29.86 -11.66
CA SER B 280 -8.59 30.85 -10.66
C SER B 280 -9.35 30.62 -9.36
N GLY B 281 -8.63 30.28 -8.30
CA GLY B 281 -9.19 30.10 -6.97
C GLY B 281 -9.09 28.67 -6.46
N ASP B 282 -9.16 28.51 -5.14
CA ASP B 282 -9.24 27.18 -4.54
C ASP B 282 -10.51 26.52 -4.99
N TYR B 283 -10.41 25.26 -5.40
CA TYR B 283 -11.58 24.55 -5.87
C TYR B 283 -11.44 23.04 -5.74
N PRO B 284 -12.27 22.44 -4.89
CA PRO B 284 -12.44 20.99 -4.83
C PRO B 284 -13.23 20.53 -6.02
N LEU B 285 -12.63 19.75 -6.92
CA LEU B 285 -13.36 19.39 -8.12
C LEU B 285 -14.45 18.43 -7.72
N VAL B 286 -15.58 18.54 -8.40
CA VAL B 286 -16.62 17.54 -8.28
C VAL B 286 -16.74 16.91 -9.66
N VAL B 287 -16.41 15.62 -9.71
CA VAL B 287 -16.41 14.89 -10.97
C VAL B 287 -16.92 13.47 -10.75
N PRO B 288 -17.48 12.84 -11.81
CA PRO B 288 -18.05 11.50 -11.65
C PRO B 288 -17.02 10.44 -11.22
N ALA B 289 -17.52 9.43 -10.50
CA ALA B 289 -16.67 8.46 -9.83
C ALA B 289 -15.90 7.62 -10.80
N ASN B 290 -16.41 7.47 -12.02
CA ASN B 290 -15.78 6.61 -13.02
C ASN B 290 -14.79 7.34 -13.91
N GLY B 291 -14.60 8.63 -13.64
CA GLY B 291 -13.72 9.45 -14.45
C GLY B 291 -12.24 9.11 -14.26
N HIS B 292 -11.45 9.36 -15.31
CA HIS B 292 -10.00 9.18 -15.24
C HIS B 292 -9.29 9.96 -16.35
N PHE B 293 -8.03 10.26 -16.13
CA PHE B 293 -7.22 10.96 -17.14
C PHE B 293 -6.75 10.03 -18.25
N ARG B 294 -6.66 10.57 -19.45
CA ARG B 294 -6.05 9.89 -20.59
C ARG B 294 -5.08 10.85 -21.24
N PHE B 295 -3.95 10.32 -21.69
CA PHE B 295 -3.00 11.09 -22.45
C PHE B 295 -3.60 11.52 -23.78
N ASP B 296 -3.42 12.79 -24.15
CA ASP B 296 -3.89 13.26 -25.44
C ASP B 296 -2.76 13.47 -26.43
N SER B 297 -1.81 14.34 -26.10
CA SER B 297 -0.77 14.73 -27.05
C SER B 297 0.33 15.49 -26.35
N TRP B 298 1.47 15.60 -27.02
CA TRP B 298 2.59 16.43 -26.54
C TRP B 298 2.48 17.86 -27.06
N VAL B 299 2.53 18.82 -26.14
CA VAL B 299 2.43 20.25 -26.43
C VAL B 299 3.57 21.03 -25.76
N ASN B 300 3.68 22.33 -25.98
CA ASN B 300 4.69 23.08 -25.28
C ASN B 300 4.18 23.86 -24.09
N GLN B 301 5.10 24.53 -23.42
CA GLN B 301 4.80 25.22 -22.19
C GLN B 301 3.81 26.31 -22.32
N PHE B 302 3.64 26.81 -23.51
CA PHE B 302 2.83 27.97 -23.74
C PHE B 302 1.50 27.62 -24.38
N TYR B 303 1.15 26.35 -24.36
CA TYR B 303 -0.13 25.88 -24.86
C TYR B 303 -1.25 26.37 -23.94
N SER B 304 -2.31 26.90 -24.51
CA SER B 304 -3.42 27.42 -23.73
CA SER B 304 -3.44 27.44 -23.75
C SER B 304 -4.50 26.38 -23.48
N LEU B 305 -4.75 26.11 -22.20
CA LEU B 305 -5.78 25.17 -21.81
C LEU B 305 -7.17 25.76 -21.87
N ALA B 306 -8.14 24.91 -22.17
CA ALA B 306 -9.51 25.31 -22.03
C ALA B 306 -9.71 25.56 -20.54
N PRO B 307 -10.28 26.72 -20.18
CA PRO B 307 -10.63 26.95 -18.77
C PRO B 307 -11.54 25.85 -18.25
N MET B 308 -11.40 25.50 -16.97
CA MET B 308 -12.32 24.54 -16.37
C MET B 308 -13.40 25.28 -15.57
C1 GLC C . -13.36 20.30 23.78
C2 GLC C . -11.96 20.78 24.09
C3 GLC C . -11.07 19.87 23.34
C4 GLC C . -11.11 18.47 23.89
C5 GLC C . -12.51 17.97 23.96
C6 GLC C . -12.64 16.88 24.93
O1 GLC C . -13.61 19.95 22.46
O2 GLC C . -11.69 22.23 24.02
O3 GLC C . -9.72 20.37 23.39
O4 GLC C . -10.38 17.51 23.08
O5 GLC C . -13.43 19.00 24.48
O6 GLC C . -13.62 17.39 25.82
C1 GAL C . -9.72 16.49 23.87
C2 GAL C . -9.11 15.78 22.66
C3 GAL C . -7.78 15.11 23.04
C4 GAL C . -6.84 16.09 23.76
C5 GAL C . -7.59 16.87 24.84
C6 GAL C . -6.81 18.02 25.45
O2 GAL C . -9.98 14.77 22.17
O3 GAL C . -7.10 14.66 21.88
O4 GAL C . -6.31 17.00 22.83
O5 GAL C . -8.79 17.44 24.33
O6 GAL C . -6.31 17.70 26.73
C1 FUC C . -9.91 14.17 20.89
C2 FUC C . -10.74 12.85 20.94
C3 FUC C . -12.24 13.12 21.18
C4 FUC C . -12.77 14.24 20.29
C5 FUC C . -11.85 15.49 20.39
C6 FUC C . -12.22 16.58 19.39
O2 FUC C . -10.24 11.97 21.92
O3 FUC C . -13.01 11.94 20.91
O4 FUC C . -12.86 13.81 18.92
O5 FUC C . -10.50 15.13 20.09
C1 GLC D . 7.87 -13.99 30.02
C2 GLC D . 6.69 -14.94 29.90
C3 GLC D . 5.81 -14.63 28.75
C4 GLC D . 5.41 -13.19 28.71
C5 GLC D . 6.63 -12.29 28.70
C6 GLC D . 6.21 -10.86 28.65
O1 GLC D . 8.83 -14.33 29.09
O2 GLC D . 7.21 -16.28 29.78
O3 GLC D . 4.61 -15.45 28.81
O4 GLC D . 4.65 -12.94 27.53
O5 GLC D . 7.50 -12.55 29.86
O6 GLC D . 5.97 -10.36 29.95
C1 GAL D . 3.35 -12.51 27.21
C2 GAL D . 3.09 -11.76 25.90
C3 GAL D . 1.68 -11.14 25.85
C4 GAL D . 0.59 -12.17 26.33
C5 GAL D . 1.06 -12.87 27.62
C6 GAL D . 0.13 -14.00 28.13
O2 GAL D . 4.05 -10.67 25.77
O3 GAL D . 1.32 -10.72 24.53
O4 GAL D . 0.32 -13.13 25.29
O5 GAL D . 2.34 -13.46 27.44
O6 GAL D . 0.80 -14.83 29.10
C1 FUC D . 4.56 -10.50 24.45
C2 FUC D . 5.40 -9.21 24.49
C3 FUC D . 6.76 -9.42 25.15
C4 FUC D . 7.48 -10.69 24.62
C5 FUC D . 6.49 -11.88 24.63
C6 FUC D . 7.06 -13.20 24.01
O2 FUC D . 4.69 -8.17 25.16
O3 FUC D . 7.61 -8.28 24.92
O4 FUC D . 7.98 -10.52 23.32
O5 FUC D . 5.26 -11.59 23.97
MG MG E . 7.76 -10.23 -19.21
MG MG F . -3.41 7.10 -21.56
#